data_4WNT
#
_entry.id   4WNT
#
_cell.length_a   57.310
_cell.length_b   126.810
_cell.length_c   191.730
_cell.angle_alpha   90.000
_cell.angle_beta   90.000
_cell.angle_gamma   90.000
#
_symmetry.space_group_name_H-M   'P 21 21 2'
#
loop_
_entity.id
_entity.type
_entity.pdbx_description
1 polymer 'Cytochrome P450 2D6'
2 non-polymer 'PROTOPORPHYRIN IX CONTAINING FE'
3 non-polymer Ajmalicine
4 non-polymer 'ZINC ION'
5 water water
#
_entity_poly.entity_id   1
_entity_poly.type   'polypeptide(L)'
_entity_poly.pdbx_seq_one_letter_code
;MAKKTSSKGKLPPGPLPLPGLGNLLHVDFQNTPYCFDQLRRRFGDVFSLQLAWTPVVVLNGLAAVREALVTHGEDTADRP
PVPITQILGFGPRSQGVFLARYGPAWREQRRFSVSTLRNLGLGKKSLEQWVTEEAACLCAAFANHSGRPFRPNGLLDKAV
SNVIASLTCGRRFEYDDPRFLRLLDLAQEGLKEESGFLREVLNAVPVLLHIPALAGKVLRFQKAFLTQLDELLTEHRMTW
DPAQPPRDLTEAFLAEMEKAKGNPESSFNDENLRIVVADLFSAGMVTTSTTLAWGLLLMILHPDVQRRVQQEIDDVIGQV
RRPEMGDQAHMPYTTAVIHEVQRFGDIVPLGVTHMTSRDIEVQGFRIPKGTTLITNLSSVLKDEAVWEKPFRFHPEHFLD
AQGHFVKPEAFLPFSAGRRACLGEPLARMELFLFFTSLLQHFSFSVPTGQPRPSHHGVFAFLVSPSPYELCAVPRHHHH
;
_entity_poly.pdbx_strand_id   A,B
#
# COMPACT_ATOMS: atom_id res chain seq x y z
N GLY A 9 -4.94 23.42 19.69
CA GLY A 9 -4.49 22.52 20.73
C GLY A 9 -4.61 21.04 20.38
N LYS A 10 -5.29 20.73 19.29
CA LYS A 10 -5.41 19.35 18.83
C LYS A 10 -4.06 18.73 18.44
N LEU A 11 -3.65 17.67 19.12
CA LEU A 11 -2.42 16.98 18.73
C LEU A 11 -2.72 15.88 17.72
N PRO A 12 -1.77 15.58 16.85
CA PRO A 12 -1.98 14.49 15.90
C PRO A 12 -2.07 13.12 16.56
N PRO A 13 -3.05 12.31 16.14
CA PRO A 13 -3.34 10.98 16.70
C PRO A 13 -2.19 10.01 16.51
N GLY A 14 -2.22 8.92 17.27
CA GLY A 14 -1.20 7.92 17.11
C GLY A 14 -1.29 6.84 18.16
N PRO A 15 -0.63 5.70 17.89
CA PRO A 15 -0.56 4.57 18.81
C PRO A 15 0.25 4.90 20.06
N LEU A 16 -0.21 4.43 21.21
CA LEU A 16 0.46 4.73 22.48
C LEU A 16 1.34 3.57 22.93
N PRO A 17 2.49 3.89 23.55
CA PRO A 17 3.47 2.90 24.04
C PRO A 17 3.16 2.40 25.46
N ASP A 28 9.40 -1.17 13.98
CA ASP A 28 10.61 -1.76 13.42
C ASP A 28 11.61 -0.67 13.03
N PHE A 29 12.88 -1.04 12.87
CA PHE A 29 13.96 -0.09 12.56
C PHE A 29 14.62 -0.35 11.21
N GLN A 30 14.35 -1.51 10.62
CA GLN A 30 14.91 -1.90 9.33
C GLN A 30 13.89 -1.77 8.21
N ASN A 31 12.61 -1.66 8.59
CA ASN A 31 11.50 -1.53 7.65
C ASN A 31 10.64 -0.32 8.01
N THR A 32 11.31 0.75 8.45
CA THR A 32 10.64 1.98 8.87
C THR A 32 9.65 2.53 7.82
N PRO A 33 10.08 2.65 6.53
CA PRO A 33 9.19 3.28 5.55
C PRO A 33 7.79 2.69 5.48
N TYR A 34 7.73 1.38 5.29
CA TYR A 34 6.46 0.73 5.09
C TYR A 34 5.65 0.67 6.38
N CYS A 35 6.34 0.60 7.53
CA CYS A 35 5.66 0.56 8.82
C CYS A 35 4.87 1.85 9.06
N PHE A 36 5.37 2.96 8.51
CA PHE A 36 4.71 4.25 8.62
C PHE A 36 3.50 4.34 7.70
N ASP A 37 3.63 3.73 6.52
CA ASP A 37 2.55 3.72 5.55
C ASP A 37 1.33 3.01 6.12
N GLN A 38 1.60 2.05 7.00
CA GLN A 38 0.56 1.33 7.71
C GLN A 38 -0.27 2.29 8.55
N LEU A 39 0.42 3.05 9.41
CA LEU A 39 -0.21 3.97 10.33
C LEU A 39 -0.90 5.12 9.60
N ARG A 40 -0.37 5.45 8.42
CA ARG A 40 -0.92 6.51 7.60
C ARG A 40 -2.41 6.26 7.34
N ARG A 41 -2.72 5.11 6.75
CA ARG A 41 -4.11 4.78 6.38
C ARG A 41 -5.01 4.64 7.61
N ARG A 42 -4.39 4.38 8.76
CA ARG A 42 -5.08 4.25 10.04
C ARG A 42 -5.32 5.59 10.75
N PHE A 43 -4.26 6.40 10.89
CA PHE A 43 -4.35 7.63 11.69
C PHE A 43 -4.43 8.88 10.84
N GLY A 44 -4.12 8.77 9.56
CA GLY A 44 -4.10 9.95 8.71
C GLY A 44 -2.70 10.39 8.33
N ASP A 45 -2.63 11.54 7.65
CA ASP A 45 -1.39 11.96 7.04
C ASP A 45 -0.44 12.61 8.02
N VAL A 46 -0.98 13.07 9.13
CA VAL A 46 -0.14 13.65 10.17
C VAL A 46 -0.41 12.90 11.45
N PHE A 47 0.48 11.98 11.82
CA PHE A 47 0.27 11.20 13.04
C PHE A 47 1.46 11.23 14.03
N SER A 48 1.15 11.14 15.32
CA SER A 48 2.17 11.16 16.36
C SER A 48 2.72 9.76 16.62
N LEU A 49 3.89 9.68 17.22
CA LEU A 49 4.49 8.39 17.48
C LEU A 49 5.54 8.52 18.59
N GLN A 50 5.73 7.43 19.34
CA GLN A 50 6.58 7.49 20.51
C GLN A 50 7.84 6.63 20.37
N LEU A 51 8.96 7.31 20.22
CA LEU A 51 10.25 6.65 20.09
C LEU A 51 11.13 6.97 21.27
N ALA A 52 11.29 5.98 22.14
CA ALA A 52 12.03 6.14 23.39
C ALA A 52 11.38 7.22 24.25
N TRP A 53 12.16 8.25 24.57
CA TRP A 53 11.65 9.41 25.31
C TRP A 53 11.40 10.57 24.36
N THR A 54 11.60 10.34 23.06
CA THR A 54 11.51 11.42 22.09
C THR A 54 10.16 11.50 21.37
N PRO A 55 9.52 12.68 21.43
CA PRO A 55 8.26 12.93 20.72
C PRO A 55 8.48 13.09 19.21
N VAL A 56 7.83 12.23 18.43
CA VAL A 56 7.98 12.26 16.99
C VAL A 56 6.64 12.41 16.31
N VAL A 57 6.58 13.26 15.29
CA VAL A 57 5.42 13.37 14.42
C VAL A 57 5.81 13.07 12.98
N VAL A 58 5.01 12.25 12.31
CA VAL A 58 5.34 11.86 10.95
C VAL A 58 4.43 12.61 9.99
N LEU A 59 5.01 13.18 8.95
CA LEU A 59 4.22 13.94 7.98
C LEU A 59 4.20 13.18 6.66
N ASN A 60 3.00 12.96 6.14
CA ASN A 60 2.79 12.18 4.92
C ASN A 60 2.04 12.98 3.82
N GLY A 61 2.43 12.76 2.57
CA GLY A 61 1.78 13.40 1.45
C GLY A 61 2.25 14.81 1.28
N LEU A 62 2.08 15.33 0.06
CA LEU A 62 2.63 16.62 -0.35
C LEU A 62 2.17 17.74 0.57
N ALA A 63 0.86 17.86 0.69
CA ALA A 63 0.18 18.88 1.49
C ALA A 63 0.79 19.10 2.87
N ALA A 64 0.94 18.01 3.63
CA ALA A 64 1.49 18.07 4.99
C ALA A 64 2.99 18.39 5.01
N VAL A 65 3.75 17.78 4.09
CA VAL A 65 5.18 18.04 3.99
C VAL A 65 5.41 19.49 3.58
N ARG A 66 4.64 19.95 2.60
CA ARG A 66 4.80 21.32 2.08
C ARG A 66 4.47 22.35 3.16
N GLU A 67 3.34 22.16 3.84
CA GLU A 67 2.89 23.06 4.91
C GLU A 67 3.92 23.14 6.04
N ALA A 68 4.55 22.02 6.33
CA ALA A 68 5.56 21.95 7.39
C ALA A 68 6.87 22.60 7.00
N LEU A 69 7.40 22.22 5.84
CA LEU A 69 8.74 22.64 5.44
C LEU A 69 8.81 23.99 4.74
N VAL A 70 7.70 24.42 4.15
CA VAL A 70 7.68 25.68 3.42
C VAL A 70 6.85 26.74 4.14
N THR A 71 5.55 26.47 4.29
CA THR A 71 4.64 27.41 4.94
C THR A 71 5.09 27.75 6.35
N HIS A 72 5.69 26.78 7.04
CA HIS A 72 6.24 27.00 8.37
C HIS A 72 7.74 26.79 8.37
N GLY A 73 8.37 27.07 7.23
CA GLY A 73 9.79 26.86 7.02
C GLY A 73 10.76 27.34 8.10
N GLU A 74 10.52 28.52 8.63
CA GLU A 74 11.41 29.09 9.64
C GLU A 74 11.43 28.24 10.89
N ASP A 75 10.27 27.66 11.19
CA ASP A 75 10.08 26.97 12.45
C ASP A 75 10.37 25.46 12.35
N THR A 76 10.65 24.96 11.15
CA THR A 76 11.00 23.55 10.98
C THR A 76 12.36 23.31 10.31
N ALA A 77 13.27 24.26 10.37
CA ALA A 77 14.54 24.06 9.69
C ALA A 77 15.66 23.61 10.64
N ASP A 78 15.29 23.20 11.86
CA ASP A 78 16.27 22.76 12.86
C ASP A 78 16.43 21.24 12.84
N ARG A 79 17.51 20.74 13.44
CA ARG A 79 17.72 19.31 13.53
C ARG A 79 17.58 18.90 14.95
N PRO A 80 17.22 17.64 15.19
CA PRO A 80 17.22 17.06 16.53
C PRO A 80 18.63 16.99 17.07
N PRO A 81 18.80 17.25 18.36
CA PRO A 81 20.14 17.06 18.90
C PRO A 81 20.57 15.61 18.77
N VAL A 82 21.77 15.40 18.26
CA VAL A 82 22.33 14.06 18.17
C VAL A 82 23.63 14.00 18.99
N PRO A 83 23.53 13.59 20.26
CA PRO A 83 24.63 13.54 21.22
C PRO A 83 25.80 12.62 20.84
N ILE A 84 25.56 11.60 20.02
CA ILE A 84 26.65 10.68 19.68
C ILE A 84 27.70 11.35 18.84
N THR A 85 27.32 12.37 18.09
CA THR A 85 28.24 13.06 17.22
C THR A 85 29.35 13.74 18.00
N GLN A 86 29.27 13.70 19.33
CA GLN A 86 30.35 14.21 20.15
C GLN A 86 31.61 13.38 19.94
N ILE A 87 31.44 12.11 19.59
CA ILE A 87 32.58 11.18 19.43
C ILE A 87 33.35 11.45 18.16
N LEU A 88 32.72 12.18 17.25
CA LEU A 88 33.34 12.57 15.98
C LEU A 88 33.85 14.00 16.00
N GLY A 89 33.93 14.61 17.18
CA GLY A 89 34.51 15.92 17.32
C GLY A 89 33.57 17.08 17.00
N PHE A 90 32.27 16.81 17.08
CA PHE A 90 31.25 17.83 16.90
C PHE A 90 31.25 18.80 18.06
N GLY A 91 31.07 20.08 17.76
CA GLY A 91 30.92 21.10 18.79
C GLY A 91 30.14 22.24 18.18
N PRO A 92 29.79 23.24 19.00
CA PRO A 92 29.00 24.43 18.65
C PRO A 92 29.35 25.03 17.29
N ARG A 93 30.65 25.17 17.03
CA ARG A 93 31.13 25.69 15.76
C ARG A 93 31.70 24.59 14.88
N SER A 94 31.22 23.37 15.08
CA SER A 94 31.68 22.20 14.32
C SER A 94 30.57 21.22 14.14
N GLN A 95 29.68 21.46 13.20
CA GLN A 95 28.53 20.58 13.09
C GLN A 95 28.32 20.07 11.68
N GLY A 96 29.28 20.33 10.80
CA GLY A 96 29.12 20.05 9.39
C GLY A 96 27.93 20.78 8.83
N VAL A 97 27.26 20.18 7.83
CA VAL A 97 26.04 20.77 7.30
C VAL A 97 24.80 19.94 7.69
N PHE A 98 24.79 18.65 7.36
CA PHE A 98 23.61 17.77 7.54
C PHE A 98 22.92 17.79 8.89
N LEU A 99 23.67 17.49 9.95
CA LEU A 99 23.13 17.52 11.30
C LEU A 99 23.31 18.85 12.02
N ALA A 100 23.88 19.85 11.35
CA ALA A 100 24.08 21.14 12.00
C ALA A 100 22.77 21.72 12.52
N ARG A 101 22.77 22.18 13.77
CA ARG A 101 21.60 22.82 14.35
C ARG A 101 21.28 24.07 13.54
N TYR A 102 20.02 24.49 13.57
CA TYR A 102 19.66 25.69 12.84
C TYR A 102 20.25 26.94 13.50
N GLY A 103 21.12 27.60 12.74
CA GLY A 103 21.76 28.81 13.18
C GLY A 103 22.99 29.15 12.37
N PRO A 104 23.91 29.89 12.98
CA PRO A 104 25.15 30.38 12.36
C PRO A 104 26.07 29.25 11.87
N ALA A 105 26.42 28.25 12.68
CA ALA A 105 27.30 27.18 12.21
C ALA A 105 26.72 26.50 10.97
N TRP A 106 25.40 26.27 10.98
CA TRP A 106 24.75 25.67 9.82
C TRP A 106 24.77 26.60 8.61
N ARG A 107 24.34 27.83 8.82
CA ARG A 107 24.14 28.74 7.69
C ARG A 107 25.45 29.14 7.02
N GLU A 108 26.51 29.31 7.79
CA GLU A 108 27.81 29.66 7.23
C GLU A 108 28.30 28.52 6.31
N GLN A 109 28.27 27.29 6.79
CA GLN A 109 28.71 26.16 5.98
C GLN A 109 27.81 25.90 4.78
N ARG A 110 26.51 26.03 5.00
CA ARG A 110 25.55 25.84 3.94
C ARG A 110 25.82 26.82 2.81
N ARG A 111 26.06 28.07 3.16
CA ARG A 111 26.20 29.08 2.13
C ARG A 111 27.54 28.95 1.44
N PHE A 112 28.55 28.59 2.23
CA PHE A 112 29.87 28.30 1.71
C PHE A 112 29.86 27.15 0.71
N SER A 113 29.20 26.04 1.05
CA SER A 113 29.18 24.93 0.10
C SER A 113 28.49 25.34 -1.21
N VAL A 114 27.29 25.93 -1.11
CA VAL A 114 26.52 26.36 -2.29
C VAL A 114 27.32 27.28 -3.20
N SER A 115 27.97 28.31 -2.64
CA SER A 115 28.77 29.27 -3.45
C SER A 115 30.02 28.65 -4.02
N THR A 116 30.67 27.84 -3.19
CA THR A 116 31.95 27.26 -3.59
C THR A 116 31.70 26.32 -4.74
N LEU A 117 30.68 25.47 -4.63
CA LEU A 117 30.32 24.62 -5.77
C LEU A 117 30.16 25.45 -7.06
N ARG A 118 29.33 26.48 -7.01
CA ARG A 118 29.14 27.40 -8.14
C ARG A 118 30.46 27.97 -8.68
N ASN A 119 31.32 28.46 -7.81
CA ASN A 119 32.56 29.03 -8.29
C ASN A 119 33.43 27.98 -8.99
N LEU A 120 33.43 26.75 -8.46
CA LEU A 120 34.25 25.67 -9.00
C LEU A 120 33.78 25.22 -10.40
N GLY A 121 32.63 25.73 -10.81
CA GLY A 121 32.22 25.54 -12.19
C GLY A 121 30.82 24.97 -12.34
N LEU A 122 30.14 24.76 -11.22
CA LEU A 122 28.78 24.24 -11.26
C LEU A 122 27.84 25.22 -11.96
N GLY A 123 27.37 24.83 -13.14
CA GLY A 123 26.55 25.70 -13.96
C GLY A 123 27.34 26.19 -15.16
N LYS A 124 28.57 25.69 -15.28
CA LYS A 124 29.46 26.04 -16.38
C LYS A 124 29.97 24.78 -17.11
N LYS A 125 30.36 24.94 -18.37
CA LYS A 125 30.90 23.85 -19.17
C LYS A 125 32.13 23.21 -18.50
N SER A 126 32.80 23.98 -17.64
CA SER A 126 33.90 23.50 -16.81
C SER A 126 33.57 22.14 -16.15
N LEU A 127 32.56 22.10 -15.29
CA LEU A 127 32.24 20.87 -14.56
C LEU A 127 31.59 19.84 -15.49
N GLU A 128 30.70 20.34 -16.31
CA GLU A 128 30.03 19.59 -17.36
C GLU A 128 31.02 18.68 -18.12
N GLN A 129 32.10 19.27 -18.63
CA GLN A 129 33.09 18.53 -19.41
C GLN A 129 33.96 17.58 -18.58
N TRP A 130 34.17 17.93 -17.32
CA TRP A 130 34.88 17.05 -16.40
C TRP A 130 34.07 15.79 -16.17
N VAL A 131 32.82 15.99 -15.72
CA VAL A 131 31.92 14.88 -15.40
C VAL A 131 31.78 13.93 -16.57
N THR A 132 31.63 14.49 -17.77
CA THR A 132 31.39 13.66 -18.93
C THR A 132 32.68 12.92 -19.34
N GLU A 133 33.80 13.36 -18.75
CA GLU A 133 35.10 12.71 -18.90
C GLU A 133 35.21 11.50 -17.96
N GLU A 134 34.78 11.66 -16.70
CA GLU A 134 34.69 10.53 -15.78
C GLU A 134 33.73 9.48 -16.34
N ALA A 135 32.71 9.94 -17.04
CA ALA A 135 31.74 9.08 -17.67
C ALA A 135 32.42 8.17 -18.70
N ALA A 136 33.41 8.73 -19.39
CA ALA A 136 34.17 7.96 -20.38
C ALA A 136 35.00 6.89 -19.68
N CYS A 137 35.59 7.26 -18.55
CA CYS A 137 36.26 6.31 -17.69
C CYS A 137 35.30 5.21 -17.23
N LEU A 138 34.07 5.59 -16.91
CA LEU A 138 33.04 4.62 -16.57
C LEU A 138 32.72 3.65 -17.72
N CYS A 139 32.62 4.17 -18.94
CA CYS A 139 32.29 3.34 -20.08
C CYS A 139 33.41 2.35 -20.39
N ALA A 140 34.63 2.74 -20.09
CA ALA A 140 35.78 1.88 -20.42
C ALA A 140 35.87 0.75 -19.40
N ALA A 141 35.55 1.08 -18.15
CA ALA A 141 35.44 0.07 -17.11
C ALA A 141 34.31 -0.94 -17.43
N PHE A 142 33.18 -0.45 -17.94
CA PHE A 142 32.07 -1.32 -18.33
C PHE A 142 32.48 -2.21 -19.50
N ALA A 143 33.04 -1.58 -20.53
CA ALA A 143 33.45 -2.32 -21.72
C ALA A 143 34.42 -3.45 -21.36
N ASN A 144 35.26 -3.23 -20.36
CA ASN A 144 36.22 -4.26 -19.94
C ASN A 144 35.57 -5.52 -19.37
N HIS A 145 34.27 -5.51 -19.15
CA HIS A 145 33.62 -6.76 -18.78
C HIS A 145 33.26 -7.58 -20.02
N SER A 146 33.64 -7.04 -21.18
CA SER A 146 33.28 -7.58 -22.48
C SER A 146 31.76 -7.65 -22.58
N GLY A 147 31.21 -8.87 -22.55
CA GLY A 147 29.76 -9.00 -22.54
C GLY A 147 29.27 -9.71 -21.29
N ARG A 148 30.21 -10.10 -20.44
CA ARG A 148 29.93 -10.89 -19.25
C ARG A 148 29.08 -10.15 -18.22
N PRO A 149 28.24 -10.89 -17.49
CA PRO A 149 27.42 -10.30 -16.43
C PRO A 149 28.25 -9.82 -15.24
N PHE A 150 27.86 -8.68 -14.67
CA PHE A 150 28.51 -8.11 -13.49
C PHE A 150 27.56 -7.17 -12.73
N ARG A 151 27.82 -6.96 -11.44
CA ARG A 151 27.12 -5.92 -10.69
C ARG A 151 27.77 -4.55 -10.95
N PRO A 152 26.97 -3.59 -11.42
CA PRO A 152 27.49 -2.29 -11.83
C PRO A 152 27.73 -1.32 -10.66
N ASN A 153 27.40 -1.75 -9.46
CA ASN A 153 27.36 -0.85 -8.32
C ASN A 153 28.72 -0.21 -8.02
N GLY A 154 29.74 -1.06 -7.91
CA GLY A 154 31.07 -0.65 -7.53
C GLY A 154 31.65 0.37 -8.48
N LEU A 155 31.46 0.16 -9.77
CA LEU A 155 31.97 1.07 -10.78
C LEU A 155 31.18 2.35 -10.77
N LEU A 156 29.88 2.25 -10.45
CA LEU A 156 29.04 3.43 -10.32
C LEU A 156 29.50 4.24 -9.13
N ASP A 157 29.73 3.58 -8.01
CA ASP A 157 30.26 4.28 -6.85
C ASP A 157 31.61 4.97 -7.16
N LYS A 158 32.54 4.30 -7.84
CA LYS A 158 33.82 4.93 -8.15
C LYS A 158 33.67 6.17 -9.03
N ALA A 159 32.95 6.05 -10.15
CA ALA A 159 32.85 7.15 -11.10
C ALA A 159 32.18 8.36 -10.47
N VAL A 160 31.22 8.09 -9.59
CA VAL A 160 30.46 9.15 -8.98
C VAL A 160 31.23 9.78 -7.78
N SER A 161 31.99 8.96 -7.05
CA SER A 161 32.89 9.45 -6.00
C SER A 161 33.94 10.36 -6.57
N ASN A 162 34.48 10.00 -7.73
CA ASN A 162 35.51 10.81 -8.31
C ASN A 162 35.04 12.23 -8.61
N VAL A 163 33.77 12.38 -8.95
CA VAL A 163 33.28 13.72 -9.29
C VAL A 163 33.28 14.54 -8.02
N ILE A 164 32.79 13.95 -6.94
CA ILE A 164 32.72 14.72 -5.71
C ILE A 164 34.11 14.85 -5.06
N ALA A 165 34.98 13.88 -5.30
CA ALA A 165 36.35 13.92 -4.80
C ALA A 165 37.08 15.05 -5.47
N SER A 166 36.80 15.24 -6.76
CA SER A 166 37.48 16.27 -7.51
C SER A 166 37.10 17.67 -7.03
N LEU A 167 35.82 17.89 -6.81
CA LEU A 167 35.30 19.18 -6.38
C LEU A 167 35.71 19.50 -4.95
N THR A 168 35.76 18.48 -4.11
CA THR A 168 36.12 18.72 -2.73
C THR A 168 37.61 18.50 -2.44
N CYS A 169 38.21 17.51 -3.06
CA CYS A 169 39.55 17.11 -2.66
C CYS A 169 40.56 17.43 -3.72
N GLY A 170 40.08 17.97 -4.85
CA GLY A 170 40.97 18.42 -5.90
C GLY A 170 41.56 17.31 -6.76
N ARG A 171 41.11 16.08 -6.53
CA ARG A 171 41.65 14.95 -7.26
C ARG A 171 40.61 13.87 -7.51
N ARG A 172 40.88 13.03 -8.51
CA ARG A 172 40.19 11.75 -8.70
C ARG A 172 41.13 10.59 -8.36
N PHE A 173 40.57 9.38 -8.34
CA PHE A 173 41.31 8.16 -8.05
C PHE A 173 41.17 7.15 -9.19
N GLU A 174 42.15 6.26 -9.36
CA GLU A 174 42.00 5.19 -10.33
C GLU A 174 41.10 4.13 -9.73
N TYR A 175 40.42 3.38 -10.59
CA TYR A 175 39.37 2.49 -10.10
C TYR A 175 39.99 1.34 -9.29
N ASP A 176 41.27 1.09 -9.53
CA ASP A 176 42.00 -0.04 -8.95
C ASP A 176 42.83 0.40 -7.75
N ASP A 177 42.69 1.67 -7.40
CA ASP A 177 43.42 2.26 -6.29
C ASP A 177 42.94 1.65 -4.99
N PRO A 178 43.83 0.94 -4.29
CA PRO A 178 43.53 0.35 -2.98
C PRO A 178 42.99 1.37 -1.97
N ARG A 179 43.68 2.49 -1.78
CA ARG A 179 43.21 3.51 -0.84
C ARG A 179 41.77 3.99 -1.13
N PHE A 180 41.47 4.18 -2.42
CA PHE A 180 40.17 4.62 -2.90
C PHE A 180 39.10 3.60 -2.52
N LEU A 181 39.44 2.32 -2.68
CA LEU A 181 38.51 1.25 -2.36
C LEU A 181 38.25 1.17 -0.87
N ARG A 182 39.27 1.28 -0.03
CA ARG A 182 39.00 1.28 1.42
C ARG A 182 38.08 2.46 1.75
N LEU A 183 38.29 3.60 1.10
CA LEU A 183 37.47 4.79 1.35
C LEU A 183 36.00 4.61 0.96
N LEU A 184 35.74 4.08 -0.24
CA LEU A 184 34.37 3.82 -0.65
C LEU A 184 33.71 2.79 0.24
N ASP A 185 34.50 1.88 0.82
CA ASP A 185 33.88 0.88 1.68
C ASP A 185 33.49 1.51 3.01
N LEU A 186 34.45 2.12 3.69
CA LEU A 186 34.19 2.85 4.94
C LEU A 186 32.98 3.77 4.78
N ALA A 187 32.88 4.44 3.63
CA ALA A 187 31.80 5.37 3.33
C ALA A 187 30.46 4.65 3.36
N GLN A 188 30.38 3.62 2.54
CA GLN A 188 29.18 2.82 2.42
C GLN A 188 28.77 2.25 3.78
N GLU A 189 29.72 1.68 4.50
CA GLU A 189 29.46 1.07 5.78
C GLU A 189 29.17 2.09 6.88
N GLY A 190 29.49 3.35 6.62
CA GLY A 190 29.28 4.41 7.59
C GLY A 190 27.88 4.97 7.53
N LEU A 191 27.40 5.22 6.31
CA LEU A 191 26.03 5.68 6.11
C LEU A 191 25.03 4.66 6.61
N LYS A 192 25.48 3.42 6.76
CA LYS A 192 24.69 2.36 7.35
C LYS A 192 24.46 2.69 8.83
N GLU A 193 25.50 3.20 9.48
CA GLU A 193 25.41 3.53 10.91
C GLU A 193 24.56 4.78 11.20
N GLU A 194 24.20 5.52 10.15
CA GLU A 194 23.32 6.69 10.30
C GLU A 194 21.95 6.27 10.79
N SER A 195 21.52 5.09 10.33
CA SER A 195 20.24 4.49 10.68
C SER A 195 20.44 3.23 11.51
N GLY A 196 20.40 3.37 12.83
CA GLY A 196 20.55 2.23 13.71
C GLY A 196 19.60 2.28 14.89
N PHE A 197 19.31 1.11 15.45
CA PHE A 197 18.49 1.04 16.66
C PHE A 197 19.30 1.60 17.83
N LEU A 198 20.53 1.11 18.00
CA LEU A 198 21.41 1.58 19.07
C LEU A 198 21.68 3.08 18.98
N ARG A 199 21.72 3.60 17.76
CA ARG A 199 21.94 5.03 17.55
C ARG A 199 20.85 5.85 18.22
N GLU A 200 19.59 5.49 17.93
CA GLU A 200 18.44 6.15 18.53
C GLU A 200 18.43 6.02 20.04
N VAL A 201 18.99 4.93 20.53
CA VAL A 201 19.06 4.67 21.96
C VAL A 201 19.95 5.67 22.67
N LEU A 202 21.19 5.79 22.20
CA LEU A 202 22.14 6.66 22.87
C LEU A 202 21.82 8.14 22.60
N ASN A 203 20.91 8.40 21.67
CA ASN A 203 20.51 9.78 21.39
C ASN A 203 19.38 10.26 22.30
N ALA A 204 18.42 9.39 22.59
CA ALA A 204 17.36 9.73 23.53
C ALA A 204 17.82 9.48 24.96
N VAL A 205 18.92 8.74 25.10
CA VAL A 205 19.53 8.45 26.40
C VAL A 205 21.02 8.73 26.35
N PRO A 206 21.40 10.03 26.32
CA PRO A 206 22.77 10.49 26.10
C PRO A 206 23.77 10.02 27.15
N VAL A 207 23.27 9.41 28.22
CA VAL A 207 24.13 9.04 29.33
C VAL A 207 24.97 7.81 28.99
N LEU A 208 24.48 7.03 28.03
CA LEU A 208 25.12 5.76 27.67
C LEU A 208 26.51 5.94 27.05
N LEU A 209 26.82 7.15 26.60
CA LEU A 209 28.11 7.47 25.97
C LEU A 209 29.25 7.42 26.99
N HIS A 210 28.88 7.37 28.26
CA HIS A 210 29.88 7.38 29.33
C HIS A 210 30.57 6.03 29.49
N ILE A 211 30.23 5.08 28.63
CA ILE A 211 30.82 3.75 28.64
C ILE A 211 31.91 3.58 27.58
N PRO A 212 33.19 3.82 27.95
CA PRO A 212 34.32 3.81 27.01
C PRO A 212 34.37 2.58 26.14
N ALA A 213 34.01 1.43 26.71
CA ALA A 213 33.92 0.20 25.95
C ALA A 213 32.77 0.30 24.94
N LEU A 214 31.60 0.71 25.40
CA LEU A 214 30.44 0.82 24.53
C LEU A 214 30.63 1.98 23.54
N ALA A 215 31.52 2.92 23.89
CA ALA A 215 31.73 4.12 23.08
C ALA A 215 32.29 3.81 21.71
N GLY A 216 33.41 3.10 21.69
CA GLY A 216 34.08 2.74 20.45
C GLY A 216 33.15 2.13 19.40
N LYS A 217 32.38 1.13 19.81
CA LYS A 217 31.64 0.32 18.84
C LYS A 217 30.48 1.06 18.16
N VAL A 218 30.06 2.18 18.73
CA VAL A 218 28.90 2.89 18.22
C VAL A 218 29.11 3.37 16.79
N LEU A 219 30.16 4.16 16.60
CA LEU A 219 30.47 4.69 15.28
C LEU A 219 31.81 4.16 14.80
N ARG A 220 31.93 2.84 14.78
CA ARG A 220 33.11 2.14 14.29
C ARG A 220 33.57 2.68 12.95
N PHE A 221 32.68 2.59 11.97
CA PHE A 221 33.03 2.85 10.60
C PHE A 221 33.13 4.33 10.29
N GLN A 222 32.24 5.11 10.90
CA GLN A 222 32.27 6.54 10.68
C GLN A 222 33.53 7.17 11.24
N LYS A 223 33.94 6.72 12.43
CA LYS A 223 35.19 7.19 13.01
C LYS A 223 36.36 6.80 12.09
N ALA A 224 36.30 5.60 11.51
CA ALA A 224 37.39 5.10 10.67
C ALA A 224 37.41 5.79 9.31
N PHE A 225 36.23 6.03 8.74
CA PHE A 225 36.11 6.89 7.57
C PHE A 225 36.69 8.28 7.79
N LEU A 226 36.40 8.93 8.90
CA LEU A 226 36.97 10.25 9.17
C LEU A 226 38.50 10.17 9.28
N THR A 227 39.02 9.06 9.81
CA THR A 227 40.47 8.89 9.98
C THR A 227 41.14 8.77 8.61
N GLN A 228 40.46 8.11 7.68
CA GLN A 228 40.98 7.94 6.33
C GLN A 228 40.93 9.27 5.60
N LEU A 229 39.86 10.02 5.83
CA LEU A 229 39.69 11.33 5.21
C LEU A 229 40.75 12.29 5.75
N ASP A 230 41.14 12.12 7.02
CA ASP A 230 42.17 12.96 7.60
C ASP A 230 43.47 12.79 6.85
N GLU A 231 43.81 11.54 6.53
CA GLU A 231 45.01 11.24 5.76
C GLU A 231 44.97 11.98 4.42
N LEU A 232 43.86 11.95 3.71
CA LEU A 232 43.77 12.69 2.45
C LEU A 232 43.89 14.21 2.62
N LEU A 233 43.25 14.75 3.66
CA LEU A 233 43.28 16.20 3.93
C LEU A 233 44.70 16.65 4.26
N THR A 234 45.43 15.84 5.01
CA THR A 234 46.80 16.18 5.34
C THR A 234 47.68 16.24 4.09
N GLU A 235 47.49 15.28 3.18
CA GLU A 235 48.22 15.28 1.93
C GLU A 235 47.89 16.55 1.18
N HIS A 236 46.61 16.90 1.21
CA HIS A 236 46.11 18.05 0.47
C HIS A 236 46.68 19.38 1.02
N ARG A 237 46.90 19.51 2.34
CA ARG A 237 47.52 20.71 2.90
C ARG A 237 48.93 20.89 2.35
N MET A 238 49.66 19.79 2.23
CA MET A 238 50.99 19.80 1.64
C MET A 238 51.01 20.28 0.18
N THR A 239 50.04 19.83 -0.63
CA THR A 239 50.09 20.16 -2.06
C THR A 239 49.41 21.50 -2.39
N TRP A 240 48.70 22.07 -1.42
CA TRP A 240 47.97 23.34 -1.61
C TRP A 240 48.87 24.52 -1.94
N ASP A 241 48.55 25.25 -3.01
CA ASP A 241 49.27 26.48 -3.35
C ASP A 241 48.37 27.65 -3.08
N PRO A 242 48.50 28.25 -1.90
CA PRO A 242 47.65 29.34 -1.44
C PRO A 242 47.92 30.65 -2.17
N ALA A 243 48.90 30.63 -3.07
CA ALA A 243 49.20 31.81 -3.90
C ALA A 243 48.29 31.80 -5.12
N GLN A 244 47.41 30.82 -5.18
CA GLN A 244 46.57 30.59 -6.34
C GLN A 244 45.13 30.60 -5.88
N PRO A 245 44.20 31.02 -6.75
CA PRO A 245 42.79 30.89 -6.37
C PRO A 245 42.47 29.43 -6.03
N PRO A 246 41.63 29.19 -4.99
CA PRO A 246 41.34 27.80 -4.62
C PRO A 246 40.74 27.01 -5.77
N ARG A 247 41.29 25.82 -6.03
CA ARG A 247 40.82 25.01 -7.15
C ARG A 247 39.89 23.90 -6.71
N ASP A 248 39.44 23.96 -5.46
CA ASP A 248 38.47 22.99 -4.94
C ASP A 248 37.98 23.43 -3.59
N LEU A 249 37.02 22.68 -3.07
CA LEU A 249 36.28 23.15 -1.92
C LEU A 249 37.17 23.14 -0.68
N THR A 250 38.10 22.19 -0.62
CA THR A 250 38.94 22.07 0.57
C THR A 250 39.91 23.24 0.62
N GLU A 251 40.43 23.65 -0.53
CA GLU A 251 41.30 24.83 -0.54
C GLU A 251 40.53 26.09 -0.11
N ALA A 252 39.33 26.28 -0.67
CA ALA A 252 38.50 27.43 -0.31
C ALA A 252 38.24 27.45 1.18
N PHE A 253 37.97 26.28 1.74
CA PHE A 253 37.77 26.14 3.17
C PHE A 253 39.03 26.50 3.96
N LEU A 254 40.18 25.99 3.50
CA LEU A 254 41.46 26.28 4.14
C LEU A 254 41.79 27.77 4.09
N ALA A 255 41.45 28.44 2.99
CA ALA A 255 41.74 29.87 2.89
C ALA A 255 40.82 30.67 3.83
N GLU A 256 39.56 30.25 4.00
CA GLU A 256 38.70 30.91 4.97
C GLU A 256 39.26 30.66 6.36
N MET A 257 39.77 29.46 6.57
CA MET A 257 40.26 29.08 7.87
C MET A 257 41.42 29.99 8.31
N GLU A 258 42.20 30.43 7.33
CA GLU A 258 43.28 31.35 7.56
C GLU A 258 42.76 32.73 7.98
N LYS A 259 41.76 33.25 7.27
CA LYS A 259 41.22 34.58 7.54
C LYS A 259 40.58 34.67 8.93
N ALA A 260 40.19 33.52 9.43
CA ALA A 260 39.43 33.40 10.65
C ALA A 260 40.28 33.07 11.85
N LYS A 261 41.59 33.01 11.67
CA LYS A 261 42.48 32.88 12.80
C LYS A 261 42.24 34.04 13.76
N GLY A 262 41.78 33.71 14.96
CA GLY A 262 41.52 34.69 16.02
C GLY A 262 40.04 34.93 16.22
N ASN A 263 39.22 34.15 15.53
CA ASN A 263 37.78 34.28 15.63
C ASN A 263 37.10 33.02 16.16
N PRO A 264 36.84 32.98 17.47
CA PRO A 264 36.28 31.75 18.05
C PRO A 264 34.87 31.45 17.55
N GLU A 265 34.21 32.44 16.96
CA GLU A 265 32.87 32.26 16.37
C GLU A 265 32.89 31.57 15.01
N SER A 266 34.03 31.54 14.33
CA SER A 266 33.99 31.04 12.96
C SER A 266 33.78 29.53 12.90
N SER A 267 33.02 29.06 11.94
CA SER A 267 32.85 27.62 11.82
C SER A 267 33.98 27.08 10.94
N PHE A 268 34.86 27.94 10.45
CA PHE A 268 35.96 27.46 9.63
C PHE A 268 37.14 27.06 10.50
N ASN A 269 37.02 25.89 11.13
CA ASN A 269 38.02 25.38 12.03
C ASN A 269 38.40 23.98 11.55
N ASP A 270 39.42 23.36 12.16
CA ASP A 270 39.92 22.06 11.73
C ASP A 270 38.91 20.94 12.01
N GLU A 271 38.20 21.01 13.13
CA GLU A 271 37.21 19.98 13.46
C GLU A 271 36.07 19.96 12.44
N ASN A 272 35.78 21.11 11.83
CA ASN A 272 34.65 21.19 10.93
C ASN A 272 35.02 20.86 9.50
N LEU A 273 36.30 20.99 9.14
CA LEU A 273 36.74 20.66 7.79
C LEU A 273 36.48 19.19 7.52
N ARG A 274 36.83 18.31 8.46
CA ARG A 274 36.68 16.90 8.19
C ARG A 274 35.20 16.53 8.15
N ILE A 275 34.40 17.20 8.95
CA ILE A 275 32.97 16.94 8.96
C ILE A 275 32.29 17.46 7.69
N VAL A 276 32.64 18.67 7.27
CA VAL A 276 32.01 19.25 6.09
C VAL A 276 32.32 18.41 4.88
N VAL A 277 33.56 17.97 4.77
CA VAL A 277 33.95 17.22 3.62
C VAL A 277 33.34 15.82 3.71
N ALA A 278 33.17 15.29 4.92
CA ALA A 278 32.50 14.00 5.07
C ALA A 278 31.04 14.11 4.63
N ASP A 279 30.35 15.18 5.07
CA ASP A 279 28.95 15.36 4.68
C ASP A 279 28.81 15.39 3.16
N LEU A 280 29.57 16.28 2.52
CA LEU A 280 29.50 16.48 1.06
C LEU A 280 29.99 15.28 0.26
N PHE A 281 31.09 14.66 0.67
CA PHE A 281 31.66 13.57 -0.13
C PHE A 281 30.70 12.38 -0.12
N SER A 282 30.20 12.03 1.06
CA SER A 282 29.36 10.84 1.20
C SER A 282 28.00 11.00 0.49
N ALA A 283 27.37 12.16 0.64
CA ALA A 283 26.11 12.40 -0.08
C ALA A 283 26.37 12.46 -1.58
N GLY A 284 27.48 13.08 -1.98
CA GLY A 284 27.79 13.28 -3.40
C GLY A 284 28.07 11.98 -4.11
N MET A 285 28.16 10.92 -3.31
CA MET A 285 28.52 9.60 -3.79
C MET A 285 27.36 8.61 -3.71
N VAL A 286 26.81 8.42 -2.51
CA VAL A 286 25.87 7.35 -2.27
C VAL A 286 24.48 7.65 -2.85
N THR A 287 24.13 8.94 -2.93
CA THR A 287 22.80 9.31 -3.37
C THR A 287 22.77 9.09 -4.88
N THR A 288 23.68 9.74 -5.60
CA THR A 288 23.70 9.71 -7.06
C THR A 288 23.97 8.32 -7.68
N SER A 289 24.90 7.54 -7.11
CA SER A 289 25.21 6.28 -7.74
C SER A 289 24.07 5.29 -7.49
N THR A 290 23.45 5.38 -6.31
CA THR A 290 22.35 4.49 -5.96
C THR A 290 21.18 4.75 -6.91
N THR A 291 20.96 6.02 -7.23
CA THR A 291 19.97 6.42 -8.21
C THR A 291 20.27 5.79 -9.55
N LEU A 292 21.53 5.92 -9.99
CA LEU A 292 21.97 5.32 -11.23
C LEU A 292 21.87 3.79 -11.21
N ALA A 293 22.20 3.15 -10.08
CA ALA A 293 22.00 1.70 -10.00
C ALA A 293 20.51 1.39 -10.22
N TRP A 294 19.64 2.21 -9.64
CA TRP A 294 18.19 2.12 -9.90
C TRP A 294 17.87 2.27 -11.39
N GLY A 295 18.37 3.34 -11.99
CA GLY A 295 18.21 3.58 -13.41
C GLY A 295 18.61 2.41 -14.27
N LEU A 296 19.75 1.79 -13.98
CA LEU A 296 20.22 0.68 -14.81
C LEU A 296 19.34 -0.56 -14.60
N LEU A 297 18.85 -0.73 -13.38
CA LEU A 297 18.00 -1.88 -13.12
C LEU A 297 16.67 -1.70 -13.84
N LEU A 298 16.11 -0.50 -13.77
CA LEU A 298 14.85 -0.20 -14.43
C LEU A 298 15.00 -0.24 -15.93
N MET A 299 16.19 0.05 -16.42
CA MET A 299 16.40 -0.02 -17.87
C MET A 299 16.46 -1.46 -18.39
N ILE A 300 16.87 -2.43 -17.57
CA ILE A 300 16.88 -3.80 -18.08
C ILE A 300 15.52 -4.48 -17.82
N LEU A 301 14.73 -3.94 -16.88
CA LEU A 301 13.37 -4.41 -16.65
C LEU A 301 12.40 -3.78 -17.65
N HIS A 302 12.81 -2.68 -18.26
CA HIS A 302 11.93 -2.02 -19.22
C HIS A 302 12.69 -1.66 -20.50
N PRO A 303 13.01 -2.67 -21.30
CA PRO A 303 13.80 -2.53 -22.54
C PRO A 303 13.21 -1.52 -23.51
N ASP A 304 11.89 -1.52 -23.63
CA ASP A 304 11.19 -0.61 -24.51
C ASP A 304 11.54 0.85 -24.15
N VAL A 305 11.56 1.13 -22.85
CA VAL A 305 11.91 2.45 -22.38
C VAL A 305 13.37 2.76 -22.67
N GLN A 306 14.25 1.79 -22.40
CA GLN A 306 15.66 1.96 -22.68
C GLN A 306 15.89 2.31 -24.15
N ARG A 307 15.23 1.59 -25.06
CA ARG A 307 15.30 1.90 -26.48
C ARG A 307 14.81 3.32 -26.81
N ARG A 308 13.68 3.71 -26.22
CA ARG A 308 13.06 4.98 -26.61
C ARG A 308 14.00 6.13 -26.20
N VAL A 309 14.75 5.93 -25.11
CA VAL A 309 15.77 6.88 -24.67
C VAL A 309 16.96 6.94 -25.63
N GLN A 310 17.45 5.77 -26.01
CA GLN A 310 18.54 5.65 -26.97
C GLN A 310 18.20 6.27 -28.32
N GLN A 311 16.94 6.14 -28.73
CA GLN A 311 16.46 6.80 -29.94
C GLN A 311 16.63 8.32 -29.82
N GLU A 312 16.20 8.88 -28.69
CA GLU A 312 16.29 10.32 -28.48
C GLU A 312 17.73 10.81 -28.44
N ILE A 313 18.59 10.03 -27.78
CA ILE A 313 20.02 10.32 -27.67
C ILE A 313 20.64 10.45 -29.06
N ASP A 314 20.37 9.45 -29.88
CA ASP A 314 20.85 9.44 -31.25
C ASP A 314 20.30 10.65 -32.02
N ASP A 315 18.98 10.85 -31.96
CA ASP A 315 18.31 11.96 -32.64
C ASP A 315 18.87 13.33 -32.28
N VAL A 316 19.43 13.43 -31.09
CA VAL A 316 19.80 14.74 -30.56
C VAL A 316 21.31 14.87 -30.44
N ILE A 317 21.99 13.77 -30.16
CA ILE A 317 23.42 13.80 -29.92
C ILE A 317 24.23 12.90 -30.88
N GLY A 318 23.68 11.74 -31.25
CA GLY A 318 24.43 10.75 -32.00
C GLY A 318 25.41 10.02 -31.08
N GLN A 319 26.29 9.19 -31.65
CA GLN A 319 27.31 8.50 -30.85
C GLN A 319 28.67 9.18 -30.99
N VAL A 320 28.69 10.33 -31.65
CA VAL A 320 29.93 11.05 -31.88
C VAL A 320 30.44 11.76 -30.62
N ARG A 321 29.70 12.76 -30.18
CA ARG A 321 30.18 13.60 -29.09
C ARG A 321 29.58 13.21 -27.75
N ARG A 322 30.29 13.59 -26.70
CA ARG A 322 29.80 13.37 -25.36
C ARG A 322 28.56 14.21 -25.14
N PRO A 323 27.67 13.72 -24.28
CA PRO A 323 26.47 14.50 -23.98
C PRO A 323 26.82 15.86 -23.34
N GLU A 324 25.93 16.85 -23.49
CA GLU A 324 26.07 18.16 -22.89
C GLU A 324 24.75 18.62 -22.28
N MET A 325 24.82 19.50 -21.30
CA MET A 325 23.61 19.92 -20.58
C MET A 325 22.67 20.68 -21.48
N GLY A 326 23.21 21.22 -22.57
CA GLY A 326 22.41 21.94 -23.54
C GLY A 326 21.49 20.99 -24.28
N ASP A 327 21.81 19.70 -24.23
CA ASP A 327 20.98 18.71 -24.91
C ASP A 327 19.71 18.34 -24.13
N GLN A 328 19.76 18.47 -22.80
CA GLN A 328 18.65 18.04 -21.96
C GLN A 328 17.37 18.78 -22.32
N ALA A 329 17.51 20.05 -22.64
CA ALA A 329 16.37 20.86 -23.06
C ALA A 329 15.62 20.20 -24.20
N HIS A 330 16.35 19.64 -25.16
CA HIS A 330 15.75 19.02 -26.33
C HIS A 330 15.57 17.51 -26.14
N MET A 331 15.81 17.05 -24.91
CA MET A 331 15.62 15.63 -24.58
C MET A 331 14.57 15.37 -23.47
N PRO A 332 13.28 15.69 -23.75
CA PRO A 332 12.21 15.52 -22.77
C PRO A 332 11.95 14.07 -22.32
N TYR A 333 12.04 13.10 -23.23
CA TYR A 333 11.84 11.70 -22.83
C TYR A 333 12.91 11.21 -21.85
N THR A 334 14.18 11.49 -22.15
CA THR A 334 15.28 11.07 -21.28
C THR A 334 15.12 11.75 -19.93
N THR A 335 14.88 13.05 -19.95
CA THR A 335 14.60 13.81 -18.73
C THR A 335 13.46 13.18 -17.94
N ALA A 336 12.41 12.74 -18.64
CA ALA A 336 11.28 12.07 -17.99
C ALA A 336 11.74 10.82 -17.26
N VAL A 337 12.43 9.95 -17.98
CA VAL A 337 12.87 8.68 -17.46
C VAL A 337 13.72 8.87 -16.21
N ILE A 338 14.65 9.81 -16.29
CA ILE A 338 15.51 10.07 -15.16
C ILE A 338 14.72 10.51 -13.93
N HIS A 339 13.83 11.48 -14.11
CA HIS A 339 12.92 11.89 -13.04
C HIS A 339 12.09 10.70 -12.48
N GLU A 340 11.65 9.82 -13.35
CA GLU A 340 10.82 8.70 -12.92
C GLU A 340 11.66 7.66 -12.18
N VAL A 341 12.94 7.60 -12.51
CA VAL A 341 13.86 6.76 -11.79
C VAL A 341 13.96 7.24 -10.35
N GLN A 342 14.13 8.55 -10.19
CA GLN A 342 14.19 9.16 -8.88
C GLN A 342 12.90 8.96 -8.11
N ARG A 343 11.79 9.19 -8.79
CA ARG A 343 10.49 9.00 -8.16
C ARG A 343 10.32 7.55 -7.75
N PHE A 344 10.54 6.65 -8.69
CA PHE A 344 10.30 5.24 -8.42
C PHE A 344 11.36 4.67 -7.51
N GLY A 345 12.61 4.98 -7.81
CA GLY A 345 13.72 4.58 -6.98
C GLY A 345 13.61 5.03 -5.53
N ASP A 346 13.18 6.27 -5.31
CA ASP A 346 12.75 6.70 -3.98
C ASP A 346 13.84 6.42 -2.92
N ILE A 347 15.08 6.77 -3.22
CA ILE A 347 16.22 6.39 -2.39
C ILE A 347 16.33 6.94 -0.96
N VAL A 348 15.51 7.93 -0.60
CA VAL A 348 15.54 8.47 0.76
C VAL A 348 14.09 8.54 1.24
N PRO A 349 13.52 7.41 1.64
CA PRO A 349 12.07 7.46 1.87
C PRO A 349 11.66 8.46 2.94
N LEU A 350 12.44 8.56 4.02
CA LEU A 350 12.07 9.44 5.17
C LEU A 350 12.95 10.69 5.31
N GLY A 351 13.66 11.05 4.25
CA GLY A 351 14.54 12.21 4.28
C GLY A 351 15.43 12.21 5.50
N VAL A 352 15.62 13.39 6.05
CA VAL A 352 16.47 13.56 7.21
C VAL A 352 15.58 14.26 8.22
N THR A 353 15.61 13.83 9.47
CA THR A 353 14.66 14.36 10.43
C THR A 353 14.80 15.89 10.61
N HIS A 354 13.70 16.55 10.97
CA HIS A 354 13.74 17.95 11.30
C HIS A 354 13.27 18.09 12.74
N MET A 355 13.29 19.31 13.25
CA MET A 355 12.74 19.55 14.56
C MET A 355 12.11 20.91 14.58
N THR A 356 10.93 21.00 15.15
CA THR A 356 10.32 22.29 15.29
C THR A 356 11.13 23.09 16.29
N SER A 357 11.40 24.32 15.91
CA SER A 357 12.08 25.26 16.78
C SER A 357 11.04 26.19 17.42
N ARG A 358 9.81 26.05 16.95
CA ARG A 358 8.68 26.87 17.37
C ARG A 358 7.42 26.00 17.30
N ASP A 359 6.37 26.41 17.99
CA ASP A 359 5.07 25.74 17.88
C ASP A 359 4.46 26.03 16.51
N ILE A 360 3.81 25.04 15.90
CA ILE A 360 3.13 25.24 14.62
C ILE A 360 1.85 24.44 14.50
N GLU A 361 1.08 24.75 13.46
CA GLU A 361 -0.12 23.99 13.08
C GLU A 361 0.13 23.34 11.70
N VAL A 362 -0.17 22.04 11.57
CA VAL A 362 -0.06 21.37 10.28
C VAL A 362 -1.29 20.50 10.05
N GLN A 363 -1.93 20.65 8.88
CA GLN A 363 -3.20 19.99 8.54
C GLN A 363 -4.23 20.04 9.69
N GLY A 364 -4.22 21.14 10.44
CA GLY A 364 -5.16 21.32 11.52
C GLY A 364 -4.70 20.83 12.88
N PHE A 365 -3.62 20.05 12.93
CA PHE A 365 -3.09 19.55 14.20
C PHE A 365 -1.99 20.43 14.78
N ARG A 366 -1.96 20.56 16.10
CA ARG A 366 -0.90 21.32 16.75
C ARG A 366 0.35 20.47 16.92
N ILE A 367 1.49 21.03 16.51
CA ILE A 367 2.78 20.40 16.70
C ILE A 367 3.66 21.33 17.53
N PRO A 368 3.86 20.96 18.82
CA PRO A 368 4.64 21.77 19.75
C PRO A 368 6.11 21.96 19.35
N LYS A 369 6.71 23.02 19.86
CA LYS A 369 8.14 23.25 19.72
C LYS A 369 8.90 22.04 20.23
N GLY A 370 10.01 21.71 19.58
CA GLY A 370 10.87 20.62 20.03
C GLY A 370 10.48 19.23 19.56
N THR A 371 9.46 19.14 18.71
CA THR A 371 9.03 17.86 18.15
C THR A 371 9.94 17.38 17.01
N THR A 372 10.40 16.13 17.10
CA THR A 372 11.09 15.52 15.97
C THR A 372 10.11 15.30 14.82
N LEU A 373 10.40 15.91 13.68
CA LEU A 373 9.57 15.79 12.50
C LEU A 373 10.18 14.87 11.49
N ILE A 374 9.44 13.86 11.06
CA ILE A 374 9.91 13.05 9.96
C ILE A 374 9.08 13.40 8.74
N THR A 375 9.75 13.75 7.66
CA THR A 375 9.08 13.93 6.39
C THR A 375 9.05 12.63 5.60
N ASN A 376 7.87 12.07 5.38
CA ASN A 376 7.75 10.87 4.56
C ASN A 376 7.79 11.16 3.06
N LEU A 377 8.99 11.32 2.51
CA LEU A 377 9.14 11.64 1.09
C LEU A 377 8.62 10.54 0.17
N SER A 378 8.64 9.30 0.64
CA SER A 378 8.07 8.20 -0.13
C SER A 378 6.62 8.51 -0.40
N SER A 379 5.93 8.93 0.64
CA SER A 379 4.49 9.12 0.57
C SER A 379 4.11 10.23 -0.39
N VAL A 380 5.03 11.15 -0.68
CA VAL A 380 4.80 12.24 -1.64
C VAL A 380 5.09 11.76 -3.05
N LEU A 381 6.24 11.09 -3.20
CA LEU A 381 6.67 10.55 -4.49
C LEU A 381 5.75 9.46 -5.02
N LYS A 382 5.08 8.74 -4.12
CA LYS A 382 4.16 7.68 -4.53
C LYS A 382 2.75 7.95 -4.03
N ASP A 383 2.45 9.23 -3.84
CA ASP A 383 1.11 9.68 -3.49
C ASP A 383 0.08 9.20 -4.50
N GLU A 384 -0.79 8.27 -4.09
CA GLU A 384 -1.77 7.69 -5.02
C GLU A 384 -2.73 8.74 -5.60
N ALA A 385 -2.85 9.88 -4.91
CA ALA A 385 -3.78 10.91 -5.32
C ALA A 385 -3.20 11.78 -6.41
N VAL A 386 -1.88 11.79 -6.52
CA VAL A 386 -1.19 12.75 -7.37
C VAL A 386 -0.73 12.12 -8.69
N TRP A 387 -0.28 10.87 -8.61
CA TRP A 387 0.34 10.23 -9.75
C TRP A 387 -0.60 9.22 -10.36
N GLU A 388 -0.46 9.01 -11.66
CA GLU A 388 -1.32 8.07 -12.34
C GLU A 388 -1.08 6.63 -11.85
N LYS A 389 0.16 6.17 -11.87
CA LYS A 389 0.49 4.81 -11.47
C LYS A 389 1.65 4.84 -10.47
N PRO A 390 1.36 5.24 -9.23
CA PRO A 390 2.42 5.53 -8.26
C PRO A 390 3.35 4.35 -8.01
N PHE A 391 2.86 3.13 -8.19
CA PHE A 391 3.64 1.96 -7.86
C PHE A 391 4.21 1.27 -9.07
N ARG A 392 4.11 1.92 -10.23
CA ARG A 392 4.71 1.39 -11.44
C ARG A 392 5.80 2.31 -11.96
N PHE A 393 6.73 1.75 -12.74
CA PHE A 393 7.73 2.55 -13.42
C PHE A 393 7.10 3.09 -14.69
N HIS A 394 6.85 4.40 -14.71
CA HIS A 394 5.95 5.03 -15.70
C HIS A 394 6.49 6.40 -16.07
N PRO A 395 7.32 6.47 -17.12
CA PRO A 395 7.96 7.75 -17.47
C PRO A 395 6.93 8.84 -17.82
N GLU A 396 5.75 8.41 -18.27
CA GLU A 396 4.66 9.33 -18.63
C GLU A 396 4.10 10.11 -17.42
N HIS A 397 4.57 9.81 -16.22
CA HIS A 397 4.30 10.66 -15.07
C HIS A 397 4.87 12.07 -15.29
N PHE A 398 5.95 12.16 -16.05
CA PHE A 398 6.65 13.42 -16.33
C PHE A 398 6.51 13.87 -17.79
N LEU A 399 5.52 13.31 -18.48
CA LEU A 399 5.25 13.64 -19.87
C LEU A 399 3.77 13.94 -20.06
N ASP A 400 3.47 14.65 -21.14
CA ASP A 400 2.08 14.82 -21.51
C ASP A 400 1.85 14.18 -22.86
N ALA A 401 0.59 14.15 -23.28
CA ALA A 401 0.18 13.55 -24.54
C ALA A 401 0.99 14.05 -25.73
N GLN A 402 1.62 15.21 -25.59
CA GLN A 402 2.31 15.84 -26.69
C GLN A 402 3.80 15.48 -26.70
N GLY A 403 4.27 14.91 -25.59
CA GLY A 403 5.65 14.53 -25.49
C GLY A 403 6.50 15.51 -24.70
N HIS A 404 5.90 16.62 -24.26
CA HIS A 404 6.63 17.60 -23.46
C HIS A 404 6.87 17.12 -22.05
N PHE A 405 7.95 17.61 -21.46
CA PHE A 405 8.28 17.31 -20.07
C PHE A 405 7.51 18.24 -19.14
N VAL A 406 6.97 17.66 -18.06
CA VAL A 406 6.33 18.41 -16.99
C VAL A 406 6.83 17.86 -15.66
N LYS A 407 7.02 18.74 -14.69
CA LYS A 407 7.49 18.32 -13.38
C LYS A 407 6.42 18.65 -12.35
N PRO A 408 5.65 17.62 -11.94
CA PRO A 408 4.60 17.82 -10.93
C PRO A 408 5.20 18.35 -9.65
N GLU A 409 4.41 19.09 -8.89
CA GLU A 409 4.86 19.57 -7.60
C GLU A 409 5.25 18.48 -6.61
N ALA A 410 4.78 17.27 -6.83
CA ALA A 410 4.99 16.23 -5.86
C ALA A 410 6.34 15.60 -6.09
N PHE A 411 7.05 16.11 -7.09
CA PHE A 411 8.43 15.68 -7.32
C PHE A 411 9.39 16.30 -6.29
N LEU A 412 9.43 15.69 -5.10
CA LEU A 412 10.29 16.17 -4.03
C LEU A 412 11.31 15.16 -3.55
N PRO A 413 12.08 14.57 -4.47
CA PRO A 413 13.11 13.64 -3.98
C PRO A 413 14.21 14.37 -3.19
N PHE A 414 14.32 15.69 -3.33
CA PHE A 414 15.32 16.49 -2.61
C PHE A 414 14.72 17.25 -1.43
N SER A 415 13.49 16.90 -1.09
CA SER A 415 12.74 17.56 -0.02
C SER A 415 12.50 19.02 -0.37
N ALA A 416 12.24 19.84 0.66
CA ALA A 416 11.87 21.24 0.46
C ALA A 416 12.30 22.08 1.65
N GLY A 417 12.26 23.40 1.48
CA GLY A 417 12.63 24.29 2.56
C GLY A 417 14.08 24.72 2.67
N ARG A 418 14.35 25.45 3.74
CA ARG A 418 15.67 25.98 4.01
C ARG A 418 16.73 24.89 4.00
N ARG A 419 16.32 23.65 4.26
CA ARG A 419 17.23 22.53 4.39
C ARG A 419 17.19 21.59 3.19
N ALA A 420 16.51 21.97 2.13
CA ALA A 420 16.45 21.11 0.97
C ALA A 420 17.85 20.87 0.46
N CYS A 421 18.07 19.70 -0.14
CA CYS A 421 19.38 19.29 -0.66
C CYS A 421 20.15 20.41 -1.31
N LEU A 422 21.39 20.63 -0.90
CA LEU A 422 22.14 21.77 -1.41
C LEU A 422 22.91 21.34 -2.64
N GLY A 423 22.87 20.04 -2.89
CA GLY A 423 23.61 19.44 -3.98
C GLY A 423 22.74 19.05 -5.15
N GLU A 424 21.48 19.50 -5.14
CA GLU A 424 20.57 19.13 -6.22
C GLU A 424 21.13 19.49 -7.62
N PRO A 425 21.65 20.71 -7.82
CA PRO A 425 22.11 21.03 -9.18
C PRO A 425 23.26 20.12 -9.65
N LEU A 426 24.12 19.70 -8.72
CA LEU A 426 25.17 18.73 -9.03
C LEU A 426 24.53 17.37 -9.38
N ALA A 427 23.69 16.86 -8.49
CA ALA A 427 22.92 15.64 -8.76
C ALA A 427 22.22 15.62 -10.13
N ARG A 428 21.51 16.68 -10.49
CA ARG A 428 20.79 16.68 -11.75
C ARG A 428 21.72 16.58 -12.98
N MET A 429 22.88 17.25 -12.93
CA MET A 429 23.81 17.22 -14.07
C MET A 429 24.55 15.88 -14.15
N GLU A 430 24.80 15.28 -13.00
CA GLU A 430 25.48 14.00 -12.94
C GLU A 430 24.59 12.91 -13.50
N LEU A 431 23.32 12.93 -13.11
CA LEU A 431 22.38 11.93 -13.58
C LEU A 431 22.24 12.04 -15.08
N PHE A 432 22.13 13.26 -15.58
CA PHE A 432 21.85 13.40 -17.00
C PHE A 432 23.04 12.93 -17.83
N LEU A 433 24.24 13.32 -17.38
CA LEU A 433 25.44 13.04 -18.17
C LEU A 433 25.88 11.59 -18.05
N PHE A 434 25.90 11.05 -16.84
CA PHE A 434 26.24 9.64 -16.67
C PHE A 434 25.21 8.73 -17.37
N PHE A 435 23.93 8.92 -17.01
CA PHE A 435 22.87 8.09 -17.58
C PHE A 435 22.87 8.16 -19.10
N THR A 436 22.95 9.38 -19.67
CA THR A 436 22.93 9.45 -21.12
C THR A 436 24.21 8.87 -21.69
N SER A 437 25.33 9.04 -21.01
CA SER A 437 26.57 8.55 -21.58
C SER A 437 26.56 7.04 -21.66
N LEU A 438 26.10 6.42 -20.57
CA LEU A 438 26.00 4.98 -20.49
C LEU A 438 25.06 4.40 -21.56
N LEU A 439 23.88 4.99 -21.69
CA LEU A 439 22.92 4.53 -22.68
C LEU A 439 23.31 4.91 -24.09
N GLN A 440 24.20 5.89 -24.22
CA GLN A 440 24.71 6.25 -25.53
C GLN A 440 25.65 5.17 -26.07
N HIS A 441 26.34 4.47 -25.19
CA HIS A 441 27.38 3.55 -25.64
C HIS A 441 27.10 2.07 -25.33
N PHE A 442 26.14 1.80 -24.45
CA PHE A 442 25.86 0.42 -24.11
C PHE A 442 24.39 0.08 -24.21
N SER A 443 24.13 -1.20 -24.46
CA SER A 443 22.78 -1.74 -24.37
C SER A 443 22.76 -2.73 -23.21
N PHE A 444 21.92 -2.44 -22.23
CA PHE A 444 21.89 -3.22 -20.99
C PHE A 444 20.75 -4.20 -20.96
N SER A 445 21.01 -5.39 -20.43
CA SER A 445 20.03 -6.45 -20.46
C SER A 445 20.21 -7.38 -19.26
N VAL A 446 19.13 -8.08 -18.90
CA VAL A 446 19.20 -9.10 -17.85
C VAL A 446 19.90 -10.33 -18.46
N PRO A 447 20.90 -10.90 -17.75
CA PRO A 447 21.72 -11.97 -18.31
C PRO A 447 20.90 -13.22 -18.64
N THR A 448 20.96 -13.70 -19.88
CA THR A 448 20.13 -14.83 -20.30
C THR A 448 20.35 -16.00 -19.36
N GLY A 449 19.26 -16.57 -18.84
CA GLY A 449 19.37 -17.69 -17.95
C GLY A 449 19.29 -17.29 -16.49
N GLN A 450 19.26 -15.99 -16.24
CA GLN A 450 19.14 -15.52 -14.86
C GLN A 450 17.71 -15.07 -14.55
N PRO A 451 17.28 -15.26 -13.28
CA PRO A 451 15.99 -14.81 -12.78
C PRO A 451 15.74 -13.31 -13.01
N ARG A 452 14.49 -12.96 -13.25
CA ARG A 452 14.10 -11.59 -13.46
C ARG A 452 14.29 -10.84 -12.14
N PRO A 453 15.14 -9.80 -12.12
CA PRO A 453 15.51 -9.11 -10.88
C PRO A 453 14.34 -8.36 -10.25
N SER A 454 14.25 -8.42 -8.93
CA SER A 454 13.20 -7.72 -8.20
C SER A 454 13.27 -6.21 -8.41
N HIS A 455 12.12 -5.59 -8.65
CA HIS A 455 12.06 -4.14 -8.78
C HIS A 455 11.88 -3.55 -7.39
N HIS A 456 11.83 -4.41 -6.38
CA HIS A 456 11.81 -3.93 -5.02
C HIS A 456 13.22 -3.61 -4.59
N GLY A 457 13.31 -2.71 -3.62
CA GLY A 457 14.58 -2.28 -3.07
C GLY A 457 14.80 -2.71 -1.64
N VAL A 458 16.07 -2.73 -1.25
CA VAL A 458 16.49 -3.07 0.11
C VAL A 458 16.80 -1.77 0.88
N PHE A 459 16.29 -1.65 2.11
CA PHE A 459 16.45 -0.43 2.91
C PHE A 459 17.63 -0.45 3.89
N ALA A 460 18.70 0.28 3.56
CA ALA A 460 19.73 0.65 4.53
C ALA A 460 19.31 1.98 5.14
N PHE A 461 20.15 3.00 5.11
CA PHE A 461 19.62 4.33 5.44
C PHE A 461 18.94 4.82 4.18
N LEU A 462 19.58 4.48 3.07
CA LEU A 462 19.05 4.68 1.73
C LEU A 462 18.34 3.42 1.23
N VAL A 463 17.54 3.56 0.19
CA VAL A 463 16.93 2.40 -0.45
C VAL A 463 17.65 2.10 -1.78
N SER A 464 18.28 0.93 -1.81
CA SER A 464 19.07 0.47 -2.95
C SER A 464 18.35 -0.65 -3.68
N PRO A 465 18.64 -0.80 -4.98
CA PRO A 465 18.01 -1.95 -5.64
C PRO A 465 18.47 -3.24 -5.00
N SER A 466 17.67 -4.29 -5.10
CA SER A 466 18.17 -5.59 -4.65
C SER A 466 19.26 -6.01 -5.63
N PRO A 467 20.29 -6.72 -5.12
CA PRO A 467 21.48 -7.05 -5.89
C PRO A 467 21.10 -7.70 -7.20
N TYR A 468 21.69 -7.22 -8.29
CA TYR A 468 21.40 -7.74 -9.61
C TYR A 468 22.63 -7.66 -10.50
N GLU A 469 22.66 -8.47 -11.55
CA GLU A 469 23.71 -8.38 -12.56
C GLU A 469 23.12 -7.90 -13.87
N LEU A 470 23.96 -7.46 -14.80
CA LEU A 470 23.48 -7.12 -16.13
C LEU A 470 24.59 -7.42 -17.14
N CYS A 471 24.21 -7.44 -18.41
CA CYS A 471 25.17 -7.48 -19.49
C CYS A 471 25.20 -6.11 -20.15
N ALA A 472 26.38 -5.67 -20.58
CA ALA A 472 26.52 -4.38 -21.22
C ALA A 472 27.26 -4.57 -22.51
N VAL A 473 26.50 -4.63 -23.59
CA VAL A 473 27.09 -4.79 -24.92
C VAL A 473 27.03 -3.46 -25.65
N PRO A 474 28.18 -3.04 -26.20
CA PRO A 474 28.33 -1.78 -26.92
C PRO A 474 27.51 -1.72 -28.22
N ARG A 475 27.49 -0.55 -28.86
CA ARG A 475 26.56 -0.30 -29.96
C ARG A 475 27.27 0.05 -31.26
N GLY B 9 7.19 -32.28 -2.66
CA GLY B 9 8.01 -31.08 -2.65
C GLY B 9 8.29 -30.59 -1.24
N LYS B 10 8.63 -29.31 -1.12
CA LYS B 10 8.80 -28.68 0.19
C LYS B 10 7.57 -27.83 0.53
N LEU B 11 7.28 -27.74 1.83
CA LEU B 11 6.16 -26.95 2.33
C LEU B 11 6.41 -25.46 2.20
N PRO B 12 5.34 -24.65 2.24
CA PRO B 12 5.52 -23.20 2.24
C PRO B 12 6.31 -22.73 3.47
N PRO B 13 7.19 -21.74 3.29
CA PRO B 13 7.93 -21.12 4.39
C PRO B 13 7.00 -20.42 5.37
N GLY B 14 7.54 -19.95 6.50
CA GLY B 14 6.74 -19.21 7.47
C GLY B 14 7.41 -19.02 8.82
N PRO B 15 6.74 -18.30 9.73
CA PRO B 15 7.23 -18.09 11.10
C PRO B 15 7.10 -19.33 11.96
N LEU B 16 7.82 -19.35 13.08
CA LEU B 16 7.79 -20.49 13.99
C LEU B 16 6.72 -20.33 15.05
N PRO B 17 6.07 -21.43 15.43
CA PRO B 17 5.00 -21.42 16.44
C PRO B 17 5.50 -20.97 17.81
N GLN B 30 -7.09 -8.47 15.06
CA GLN B 30 -6.84 -7.07 15.42
C GLN B 30 -6.36 -6.27 14.20
N ASN B 31 -5.14 -6.56 13.75
CA ASN B 31 -4.61 -5.98 12.52
C ASN B 31 -3.80 -7.02 11.77
N THR B 32 -4.49 -8.11 11.41
CA THR B 32 -3.96 -9.20 10.60
C THR B 32 -3.24 -8.79 9.30
N PRO B 33 -3.89 -7.97 8.43
CA PRO B 33 -3.32 -7.80 7.09
C PRO B 33 -1.93 -7.18 7.10
N TYR B 34 -1.59 -6.48 8.18
CA TYR B 34 -0.24 -5.95 8.32
C TYR B 34 0.74 -7.10 8.53
N CYS B 35 0.37 -8.02 9.43
CA CYS B 35 1.17 -9.19 9.67
C CYS B 35 1.25 -10.00 8.38
N PHE B 36 0.10 -10.29 7.77
CA PHE B 36 0.06 -11.06 6.51
C PHE B 36 0.84 -10.39 5.38
N ASP B 37 0.93 -9.06 5.42
CA ASP B 37 1.69 -8.32 4.41
C ASP B 37 3.17 -8.41 4.67
N GLN B 38 3.55 -8.34 5.95
CA GLN B 38 4.94 -8.51 6.36
C GLN B 38 5.37 -9.93 6.03
N LEU B 39 4.48 -10.87 6.35
CA LEU B 39 4.71 -12.28 6.09
C LEU B 39 4.84 -12.54 4.59
N ARG B 40 4.01 -11.88 3.79
CA ARG B 40 4.06 -12.05 2.34
C ARG B 40 5.37 -11.53 1.76
N ARG B 41 5.79 -10.36 2.25
CA ARG B 41 7.01 -9.70 1.77
C ARG B 41 8.28 -10.39 2.26
N ARG B 42 8.11 -11.26 3.25
CA ARG B 42 9.22 -12.03 3.79
C ARG B 42 9.32 -13.43 3.19
N PHE B 43 8.18 -14.06 2.89
CA PHE B 43 8.17 -15.46 2.47
C PHE B 43 7.60 -15.71 1.08
N GLY B 44 6.75 -14.80 0.60
CA GLY B 44 6.14 -14.96 -0.71
C GLY B 44 4.62 -15.00 -0.68
N ASP B 45 4.02 -15.35 -1.82
CA ASP B 45 2.57 -15.32 -1.94
C ASP B 45 1.89 -16.47 -1.19
N VAL B 46 2.67 -17.48 -0.83
CA VAL B 46 2.17 -18.69 -0.18
C VAL B 46 3.00 -19.00 1.04
N PHE B 47 2.46 -18.69 2.21
CA PHE B 47 3.18 -19.03 3.43
C PHE B 47 2.37 -19.82 4.44
N SER B 48 3.10 -20.63 5.20
CA SER B 48 2.54 -21.45 6.27
C SER B 48 2.43 -20.66 7.56
N LEU B 49 1.50 -21.05 8.43
CA LEU B 49 1.28 -20.28 9.63
C LEU B 49 0.57 -21.09 10.70
N GLN B 50 1.02 -20.92 11.94
CA GLN B 50 0.48 -21.66 13.07
C GLN B 50 -0.53 -20.79 13.83
N LEU B 51 -1.71 -20.61 13.25
CA LEU B 51 -2.80 -19.92 13.92
C LEU B 51 -3.46 -20.84 14.93
N ALA B 52 -3.21 -20.56 16.22
CA ALA B 52 -3.70 -21.38 17.32
C ALA B 52 -3.15 -22.81 17.25
N TRP B 53 -4.04 -23.79 17.26
CA TRP B 53 -3.67 -25.20 17.20
C TRP B 53 -3.66 -25.67 15.75
N THR B 54 -4.03 -24.77 14.84
CA THR B 54 -4.28 -25.13 13.45
C THR B 54 -3.15 -24.78 12.50
N PRO B 55 -2.71 -25.77 11.71
CA PRO B 55 -1.80 -25.51 10.60
C PRO B 55 -2.58 -24.84 9.47
N VAL B 56 -2.03 -23.76 8.95
CA VAL B 56 -2.74 -22.96 7.96
C VAL B 56 -1.78 -22.50 6.88
N VAL B 57 -2.20 -22.60 5.62
CA VAL B 57 -1.45 -21.96 4.54
C VAL B 57 -2.28 -20.79 4.05
N VAL B 58 -1.63 -19.63 3.95
CA VAL B 58 -2.28 -18.43 3.43
C VAL B 58 -1.91 -18.21 1.97
N LEU B 59 -2.89 -17.87 1.14
CA LEU B 59 -2.65 -17.60 -0.27
C LEU B 59 -2.81 -16.11 -0.55
N ASN B 60 -1.82 -15.52 -1.20
CA ASN B 60 -1.81 -14.10 -1.46
C ASN B 60 -1.68 -13.79 -2.95
N GLY B 61 -2.43 -12.79 -3.39
CA GLY B 61 -2.39 -12.36 -4.77
C GLY B 61 -3.18 -13.28 -5.65
N LEU B 62 -3.60 -12.72 -6.77
CA LEU B 62 -4.39 -13.46 -7.75
C LEU B 62 -3.74 -14.79 -8.08
N ALA B 63 -2.40 -14.76 -8.06
CA ALA B 63 -1.52 -15.87 -8.42
C ALA B 63 -1.85 -17.14 -7.65
N ALA B 64 -1.56 -17.11 -6.36
CA ALA B 64 -1.78 -18.26 -5.51
C ALA B 64 -3.25 -18.65 -5.37
N VAL B 65 -4.14 -17.67 -5.15
CA VAL B 65 -5.56 -17.93 -4.98
C VAL B 65 -6.10 -18.69 -6.17
N ARG B 66 -5.76 -18.22 -7.37
CA ARG B 66 -6.31 -18.82 -8.59
C ARG B 66 -5.85 -20.25 -8.78
N GLU B 67 -4.54 -20.49 -8.63
CA GLU B 67 -3.99 -21.83 -8.83
C GLU B 67 -4.62 -22.81 -7.85
N ALA B 68 -4.77 -22.37 -6.61
CA ALA B 68 -5.43 -23.16 -5.58
C ALA B 68 -6.91 -23.37 -5.91
N LEU B 69 -7.66 -22.29 -6.05
CA LEU B 69 -9.11 -22.40 -6.12
C LEU B 69 -9.66 -22.86 -7.47
N VAL B 70 -8.91 -22.66 -8.54
CA VAL B 70 -9.37 -23.05 -9.88
C VAL B 70 -8.60 -24.22 -10.51
N THR B 71 -7.29 -24.06 -10.67
CA THR B 71 -6.50 -25.10 -11.30
C THR B 71 -6.55 -26.36 -10.46
N HIS B 72 -6.58 -26.20 -9.14
CA HIS B 72 -6.78 -27.35 -8.27
C HIS B 72 -8.15 -27.29 -7.57
N GLY B 73 -9.14 -26.76 -8.29
CA GLY B 73 -10.48 -26.59 -7.76
C GLY B 73 -11.13 -27.80 -7.09
N GLU B 74 -10.91 -28.99 -7.62
CA GLU B 74 -11.62 -30.14 -7.07
C GLU B 74 -10.96 -30.61 -5.79
N ASP B 75 -9.73 -30.13 -5.57
CA ASP B 75 -8.94 -30.56 -4.42
C ASP B 75 -9.00 -29.57 -3.25
N THR B 76 -9.47 -28.34 -3.52
CA THR B 76 -9.49 -27.28 -2.52
C THR B 76 -10.90 -26.72 -2.26
N ALA B 77 -11.93 -27.55 -2.50
CA ALA B 77 -13.29 -27.08 -2.25
C ALA B 77 -13.87 -27.62 -0.96
N ASP B 78 -13.05 -28.15 -0.07
CA ASP B 78 -13.55 -28.66 1.20
C ASP B 78 -13.57 -27.56 2.28
N ARG B 79 -14.27 -27.81 3.37
CA ARG B 79 -14.29 -26.86 4.48
C ARG B 79 -13.64 -27.53 5.65
N PRO B 80 -12.97 -26.74 6.49
CA PRO B 80 -12.42 -27.29 7.74
C PRO B 80 -13.56 -27.74 8.65
N PRO B 81 -13.44 -28.93 9.23
CA PRO B 81 -14.47 -29.36 10.16
C PRO B 81 -14.72 -28.33 11.26
N VAL B 82 -15.96 -28.23 11.70
CA VAL B 82 -16.31 -27.31 12.76
C VAL B 82 -17.18 -28.05 13.76
N PRO B 83 -16.55 -28.69 14.76
CA PRO B 83 -17.24 -29.46 15.80
C PRO B 83 -18.36 -28.69 16.50
N ILE B 84 -18.23 -27.37 16.66
CA ILE B 84 -19.21 -26.58 17.39
C ILE B 84 -20.60 -26.62 16.74
N THR B 85 -20.66 -26.80 15.42
CA THR B 85 -21.96 -26.83 14.73
C THR B 85 -22.86 -27.98 15.14
N GLN B 86 -22.39 -28.87 16.01
CA GLN B 86 -23.23 -29.96 16.51
C GLN B 86 -24.46 -29.40 17.23
N ILE B 87 -24.23 -28.33 18.00
CA ILE B 87 -25.26 -27.60 18.72
C ILE B 87 -26.42 -27.17 17.82
N LEU B 88 -26.08 -26.72 16.61
CA LEU B 88 -27.08 -26.23 15.69
C LEU B 88 -27.76 -27.37 14.94
N GLY B 89 -27.44 -28.60 15.30
CA GLY B 89 -28.05 -29.76 14.68
C GLY B 89 -27.45 -30.16 13.34
N PHE B 90 -26.15 -29.95 13.20
CA PHE B 90 -25.47 -30.34 11.98
C PHE B 90 -25.26 -31.85 11.96
N GLY B 91 -25.31 -32.43 10.77
CA GLY B 91 -25.06 -33.84 10.59
C GLY B 91 -24.67 -34.07 9.15
N PRO B 92 -24.25 -35.29 8.83
CA PRO B 92 -23.88 -35.75 7.48
C PRO B 92 -24.80 -35.28 6.33
N ARG B 93 -26.11 -35.33 6.53
CA ARG B 93 -27.07 -34.87 5.51
C ARG B 93 -27.75 -33.58 5.96
N SER B 94 -27.15 -32.91 6.93
CA SER B 94 -27.61 -31.63 7.44
C SER B 94 -26.47 -30.62 7.65
N GLN B 95 -26.04 -29.96 6.57
CA GLN B 95 -24.86 -29.09 6.71
C GLN B 95 -25.06 -27.72 6.10
N GLY B 96 -26.26 -27.42 5.63
CA GLY B 96 -26.50 -26.19 4.91
C GLY B 96 -25.59 -26.15 3.72
N VAL B 97 -25.09 -24.95 3.39
CA VAL B 97 -24.24 -24.80 2.23
C VAL B 97 -22.85 -24.33 2.64
N PHE B 98 -22.78 -23.25 3.42
CA PHE B 98 -21.51 -22.59 3.77
C PHE B 98 -20.43 -23.49 4.35
N LEU B 99 -20.76 -24.13 5.46
CA LEU B 99 -19.79 -24.92 6.18
C LEU B 99 -19.81 -26.38 5.75
N ALA B 100 -20.62 -26.72 4.75
CA ALA B 100 -20.80 -28.11 4.36
C ALA B 100 -19.49 -28.68 3.84
N ARG B 101 -19.16 -29.88 4.29
CA ARG B 101 -18.02 -30.58 3.76
C ARG B 101 -18.25 -30.78 2.27
N TYR B 102 -17.16 -30.81 1.51
CA TYR B 102 -17.23 -31.19 0.09
C TYR B 102 -17.77 -32.61 -0.10
N GLY B 103 -18.81 -32.73 -0.90
CA GLY B 103 -19.46 -34.01 -1.09
C GLY B 103 -20.94 -33.82 -1.37
N PRO B 104 -21.69 -34.92 -1.34
CA PRO B 104 -23.13 -34.90 -1.71
C PRO B 104 -23.95 -33.88 -0.90
N ALA B 105 -23.88 -33.88 0.43
CA ALA B 105 -24.70 -32.95 1.21
C ALA B 105 -24.41 -31.51 0.76
N TRP B 106 -23.14 -31.16 0.55
CA TRP B 106 -22.87 -29.83 0.00
C TRP B 106 -23.41 -29.66 -1.41
N ARG B 107 -23.15 -30.62 -2.28
CA ARG B 107 -23.45 -30.40 -3.69
C ARG B 107 -24.96 -30.35 -3.96
N GLU B 108 -25.73 -31.19 -3.29
CA GLU B 108 -27.17 -31.17 -3.47
C GLU B 108 -27.76 -29.80 -3.13
N GLN B 109 -27.39 -29.28 -1.97
CA GLN B 109 -27.94 -28.02 -1.49
C GLN B 109 -27.46 -26.82 -2.31
N ARG B 110 -26.22 -26.90 -2.77
CA ARG B 110 -25.64 -25.88 -3.61
C ARG B 110 -26.38 -25.82 -4.95
N ARG B 111 -26.62 -26.97 -5.57
CA ARG B 111 -27.32 -27.00 -6.84
C ARG B 111 -28.75 -26.55 -6.71
N PHE B 112 -29.40 -27.01 -5.64
CA PHE B 112 -30.77 -26.62 -5.36
C PHE B 112 -30.90 -25.11 -5.21
N SER B 113 -30.04 -24.50 -4.39
CA SER B 113 -30.12 -23.06 -4.17
C SER B 113 -29.94 -22.31 -5.50
N VAL B 114 -28.85 -22.62 -6.23
CA VAL B 114 -28.56 -21.95 -7.50
C VAL B 114 -29.75 -22.09 -8.44
N SER B 115 -30.23 -23.30 -8.56
CA SER B 115 -31.30 -23.63 -9.47
C SER B 115 -32.61 -22.98 -9.06
N THR B 116 -32.90 -23.00 -7.76
CA THR B 116 -34.14 -22.44 -7.27
C THR B 116 -34.14 -20.93 -7.42
N LEU B 117 -33.01 -20.30 -7.10
CA LEU B 117 -32.89 -18.87 -7.26
C LEU B 117 -33.22 -18.48 -8.70
N ARG B 118 -32.47 -19.04 -9.64
CA ARG B 118 -32.78 -18.91 -11.07
C ARG B 118 -34.27 -19.10 -11.43
N ASN B 119 -34.89 -20.20 -11.02
CA ASN B 119 -36.26 -20.43 -11.43
C ASN B 119 -37.25 -19.40 -10.85
N LEU B 120 -36.94 -18.88 -9.66
CA LEU B 120 -37.84 -17.93 -8.98
C LEU B 120 -37.96 -16.64 -9.76
N GLY B 121 -36.92 -16.34 -10.51
CA GLY B 121 -36.90 -15.14 -11.31
C GLY B 121 -35.58 -14.43 -11.25
N LEU B 122 -34.56 -15.10 -10.72
CA LEU B 122 -33.20 -14.56 -10.75
C LEU B 122 -32.71 -14.55 -12.20
N GLY B 123 -32.47 -13.34 -12.72
CA GLY B 123 -32.12 -13.18 -14.12
C GLY B 123 -33.34 -12.92 -14.99
N LYS B 124 -34.51 -12.95 -14.36
CA LYS B 124 -35.77 -12.65 -15.04
C LYS B 124 -36.23 -11.23 -14.69
N LYS B 125 -37.33 -10.80 -15.32
CA LYS B 125 -37.93 -9.50 -15.03
C LYS B 125 -38.85 -9.62 -13.81
N SER B 126 -39.02 -10.84 -13.32
CA SER B 126 -39.85 -11.10 -12.14
C SER B 126 -39.16 -10.54 -10.89
N LEU B 127 -37.94 -11.01 -10.62
CA LEU B 127 -37.22 -10.53 -9.44
C LEU B 127 -36.79 -9.08 -9.53
N GLU B 128 -36.33 -8.65 -10.70
CA GLU B 128 -35.97 -7.26 -10.92
C GLU B 128 -36.99 -6.28 -10.37
N GLN B 129 -38.23 -6.44 -10.82
CA GLN B 129 -39.28 -5.51 -10.45
C GLN B 129 -39.68 -5.69 -8.97
N TRP B 130 -39.42 -6.88 -8.42
CA TRP B 130 -39.60 -7.08 -6.99
C TRP B 130 -38.60 -6.22 -6.24
N VAL B 131 -37.32 -6.38 -6.56
CA VAL B 131 -36.26 -5.64 -5.90
C VAL B 131 -36.47 -4.13 -6.02
N THR B 132 -36.96 -3.65 -7.17
CA THR B 132 -37.26 -2.22 -7.27
C THR B 132 -38.45 -1.81 -6.41
N GLU B 133 -39.33 -2.76 -6.10
CA GLU B 133 -40.44 -2.50 -5.18
C GLU B 133 -39.88 -2.22 -3.80
N GLU B 134 -39.01 -3.11 -3.34
CA GLU B 134 -38.39 -2.93 -2.04
C GLU B 134 -37.53 -1.65 -2.02
N ALA B 135 -36.90 -1.36 -3.16
CA ALA B 135 -36.11 -0.14 -3.29
C ALA B 135 -36.96 1.12 -3.13
N ALA B 136 -38.18 1.08 -3.68
CA ALA B 136 -39.15 2.17 -3.49
C ALA B 136 -39.51 2.30 -2.02
N CYS B 137 -39.70 1.18 -1.33
CA CYS B 137 -39.94 1.21 0.11
C CYS B 137 -38.71 1.78 0.83
N LEU B 138 -37.51 1.43 0.37
CA LEU B 138 -36.27 2.03 0.90
C LEU B 138 -36.21 3.54 0.70
N CYS B 139 -36.58 3.99 -0.50
CA CYS B 139 -36.54 5.43 -0.82
C CYS B 139 -37.49 6.22 0.05
N ALA B 140 -38.67 5.65 0.26
CA ALA B 140 -39.71 6.29 1.05
C ALA B 140 -39.27 6.34 2.50
N ALA B 141 -38.66 5.24 2.98
CA ALA B 141 -38.06 5.23 4.30
C ALA B 141 -36.98 6.33 4.44
N PHE B 142 -36.15 6.52 3.40
CA PHE B 142 -35.15 7.59 3.41
C PHE B 142 -35.79 8.99 3.43
N ALA B 143 -36.76 9.21 2.55
CA ALA B 143 -37.40 10.52 2.47
C ALA B 143 -38.05 10.95 3.79
N ASN B 144 -38.42 9.99 4.64
CA ASN B 144 -39.02 10.30 5.94
C ASN B 144 -38.02 10.85 6.96
N HIS B 145 -36.80 11.12 6.53
CA HIS B 145 -35.86 11.71 7.47
C HIS B 145 -35.70 13.22 7.23
N SER B 146 -36.57 13.75 6.37
CA SER B 146 -36.62 15.19 6.08
C SER B 146 -35.25 15.71 5.70
N GLY B 147 -34.70 16.54 6.56
CA GLY B 147 -33.35 17.02 6.35
C GLY B 147 -32.43 16.33 7.33
N ARG B 148 -33.03 15.79 8.39
CA ARG B 148 -32.26 15.24 9.51
C ARG B 148 -31.23 14.21 9.05
N PRO B 149 -30.01 14.31 9.59
CA PRO B 149 -28.99 13.31 9.34
C PRO B 149 -29.31 12.02 10.07
N PHE B 150 -28.96 10.91 9.45
CA PHE B 150 -29.24 9.60 10.02
C PHE B 150 -28.16 8.66 9.53
N ARG B 151 -27.96 7.55 10.25
CA ARG B 151 -27.11 6.47 9.74
C ARG B 151 -27.99 5.56 8.90
N PRO B 152 -27.63 5.36 7.63
CA PRO B 152 -28.47 4.61 6.71
C PRO B 152 -28.40 3.09 6.92
N ASN B 153 -27.60 2.64 7.87
CA ASN B 153 -27.30 1.21 8.00
C ASN B 153 -28.55 0.34 8.26
N GLY B 154 -29.44 0.80 9.12
CA GLY B 154 -30.59 0.01 9.50
C GLY B 154 -31.56 -0.14 8.37
N LEU B 155 -31.87 0.97 7.72
CA LEU B 155 -32.72 0.93 6.54
C LEU B 155 -32.12 0.07 5.42
N LEU B 156 -30.79 -0.03 5.36
CA LEU B 156 -30.18 -0.87 4.34
C LEU B 156 -30.35 -2.34 4.72
N ASP B 157 -30.02 -2.71 5.96
CA ASP B 157 -30.22 -4.09 6.40
C ASP B 157 -31.68 -4.54 6.18
N LYS B 158 -32.65 -3.73 6.60
CA LYS B 158 -34.04 -4.08 6.42
C LYS B 158 -34.36 -4.34 4.96
N ALA B 159 -33.93 -3.45 4.07
CA ALA B 159 -34.41 -3.53 2.69
C ALA B 159 -33.77 -4.69 1.96
N VAL B 160 -32.58 -5.07 2.43
CA VAL B 160 -31.83 -6.14 1.79
C VAL B 160 -32.31 -7.48 2.36
N SER B 161 -32.63 -7.48 3.66
CA SER B 161 -33.24 -8.62 4.31
C SER B 161 -34.60 -8.96 3.70
N ASN B 162 -35.35 -7.94 3.30
CA ASN B 162 -36.65 -8.22 2.72
C ASN B 162 -36.55 -8.93 1.38
N VAL B 163 -35.46 -8.66 0.64
CA VAL B 163 -35.26 -9.29 -0.68
C VAL B 163 -35.00 -10.78 -0.49
N ILE B 164 -34.16 -11.13 0.49
CA ILE B 164 -33.86 -12.53 0.65
C ILE B 164 -35.03 -13.26 1.36
N ALA B 165 -35.70 -12.56 2.29
CA ALA B 165 -36.96 -13.02 2.89
C ALA B 165 -37.99 -13.38 1.83
N SER B 166 -38.13 -12.50 0.85
CA SER B 166 -39.10 -12.72 -0.19
C SER B 166 -38.75 -13.95 -1.00
N LEU B 167 -37.46 -14.19 -1.24
CA LEU B 167 -37.07 -15.33 -2.05
C LEU B 167 -37.06 -16.63 -1.25
N THR B 168 -36.80 -16.55 0.04
CA THR B 168 -36.70 -17.76 0.83
C THR B 168 -38.00 -18.03 1.56
N CYS B 169 -38.66 -16.98 2.01
CA CYS B 169 -39.84 -17.12 2.88
C CYS B 169 -41.12 -16.59 2.22
N GLY B 170 -41.02 -16.14 0.97
CA GLY B 170 -42.18 -15.70 0.24
C GLY B 170 -42.90 -14.48 0.81
N ARG B 171 -42.25 -13.75 1.70
CA ARG B 171 -42.84 -12.54 2.28
C ARG B 171 -41.80 -11.47 2.50
N ARG B 172 -42.24 -10.23 2.73
CA ARG B 172 -41.41 -9.15 3.27
C ARG B 172 -41.96 -8.74 4.64
N PHE B 173 -41.25 -7.83 5.32
CA PHE B 173 -41.70 -7.28 6.59
C PHE B 173 -41.70 -5.76 6.52
N GLU B 174 -42.63 -5.15 7.24
CA GLU B 174 -42.62 -3.71 7.39
C GLU B 174 -41.39 -3.30 8.18
N TYR B 175 -40.81 -2.15 7.85
CA TYR B 175 -39.57 -1.66 8.48
C TYR B 175 -39.69 -1.47 9.98
N ASP B 176 -40.93 -1.36 10.46
CA ASP B 176 -41.21 -1.18 11.88
C ASP B 176 -41.83 -2.43 12.52
N ASP B 177 -41.80 -3.55 11.79
CA ASP B 177 -42.21 -4.85 12.30
C ASP B 177 -41.27 -5.31 13.41
N PRO B 178 -41.81 -5.41 14.64
CA PRO B 178 -41.06 -5.85 15.83
C PRO B 178 -40.37 -7.20 15.63
N ARG B 179 -41.06 -8.20 15.11
CA ARG B 179 -40.44 -9.50 14.93
C ARG B 179 -39.22 -9.41 13.99
N PHE B 180 -39.39 -8.62 12.92
CA PHE B 180 -38.37 -8.31 11.95
C PHE B 180 -37.14 -7.70 12.59
N LEU B 181 -37.34 -6.67 13.38
CA LEU B 181 -36.23 -5.95 13.99
C LEU B 181 -35.41 -6.89 14.85
N ARG B 182 -36.07 -7.80 15.55
CA ARG B 182 -35.38 -8.75 16.41
C ARG B 182 -34.64 -9.80 15.56
N LEU B 183 -35.31 -10.30 14.53
CA LEU B 183 -34.66 -11.21 13.60
C LEU B 183 -33.37 -10.57 13.08
N LEU B 184 -33.45 -9.35 12.56
CA LEU B 184 -32.26 -8.64 12.06
C LEU B 184 -31.23 -8.45 13.18
N ASP B 185 -31.72 -8.20 14.39
CA ASP B 185 -30.85 -8.07 15.54
C ASP B 185 -30.05 -9.36 15.73
N LEU B 186 -30.76 -10.46 15.96
CA LEU B 186 -30.17 -11.78 16.14
C LEU B 186 -29.23 -12.15 14.99
N ALA B 187 -29.57 -11.70 13.79
CA ALA B 187 -28.77 -11.97 12.61
C ALA B 187 -27.39 -11.30 12.67
N GLN B 188 -27.34 -10.06 13.16
CA GLN B 188 -26.07 -9.35 13.28
C GLN B 188 -25.27 -9.86 14.49
N GLU B 189 -25.91 -9.98 15.66
CA GLU B 189 -25.24 -10.50 16.85
C GLU B 189 -24.73 -11.94 16.65
N GLY B 190 -25.35 -12.66 15.73
CA GLY B 190 -25.02 -14.05 15.51
C GLY B 190 -23.79 -14.26 14.65
N LEU B 191 -23.56 -13.33 13.73
CA LEU B 191 -22.39 -13.38 12.87
C LEU B 191 -21.16 -12.93 13.64
N LYS B 192 -21.35 -12.33 14.80
CA LYS B 192 -20.23 -12.07 15.69
C LYS B 192 -19.66 -13.40 16.14
N GLU B 193 -20.55 -14.34 16.50
CA GLU B 193 -20.15 -15.63 17.05
C GLU B 193 -19.40 -16.50 16.06
N GLU B 194 -19.49 -16.14 14.78
CA GLU B 194 -18.88 -16.90 13.69
C GLU B 194 -17.36 -16.77 13.73
N SER B 195 -16.88 -15.79 14.50
CA SER B 195 -15.45 -15.62 14.73
C SER B 195 -15.16 -15.09 16.12
N GLY B 196 -14.80 -15.98 17.04
CA GLY B 196 -14.42 -15.56 18.39
C GLY B 196 -13.32 -16.43 18.94
N PHE B 197 -12.86 -16.13 20.15
CA PHE B 197 -11.81 -16.93 20.77
C PHE B 197 -12.37 -18.23 21.32
N LEU B 198 -13.51 -18.16 21.99
CA LEU B 198 -14.13 -19.34 22.58
C LEU B 198 -14.41 -20.38 21.48
N ARG B 199 -14.90 -19.87 20.36
CA ARG B 199 -15.18 -20.71 19.18
C ARG B 199 -13.93 -21.43 18.73
N GLU B 200 -12.88 -20.65 18.45
CA GLU B 200 -11.59 -21.15 18.05
C GLU B 200 -11.07 -22.27 18.98
N VAL B 201 -11.30 -22.09 20.28
CA VAL B 201 -10.90 -23.07 21.29
C VAL B 201 -11.76 -24.33 21.25
N LEU B 202 -13.07 -24.15 21.26
CA LEU B 202 -13.95 -25.31 21.31
C LEU B 202 -13.88 -26.12 20.02
N ASN B 203 -13.58 -25.47 18.90
CA ASN B 203 -13.40 -26.18 17.64
C ASN B 203 -12.10 -26.97 17.62
N ALA B 204 -11.17 -26.55 18.45
CA ALA B 204 -9.93 -27.28 18.60
C ALA B 204 -10.05 -28.27 19.77
N VAL B 205 -10.97 -28.01 20.69
CA VAL B 205 -11.14 -28.90 21.82
C VAL B 205 -12.61 -29.31 21.95
N PRO B 206 -13.08 -30.16 21.04
CA PRO B 206 -14.51 -30.49 20.95
C PRO B 206 -15.01 -31.22 22.19
N VAL B 207 -14.10 -31.71 23.02
CA VAL B 207 -14.49 -32.40 24.25
C VAL B 207 -14.99 -31.39 25.28
N LEU B 208 -14.69 -30.11 25.05
CA LEU B 208 -15.11 -29.05 25.96
C LEU B 208 -16.59 -28.73 25.83
N LEU B 209 -17.24 -29.34 24.85
CA LEU B 209 -18.66 -29.11 24.59
C LEU B 209 -19.54 -29.87 25.59
N HIS B 210 -18.93 -30.81 26.30
CA HIS B 210 -19.63 -31.59 27.32
C HIS B 210 -19.92 -30.77 28.57
N ILE B 211 -19.36 -29.56 28.61
CA ILE B 211 -19.61 -28.62 29.70
C ILE B 211 -20.76 -27.67 29.34
N PRO B 212 -21.96 -27.91 29.92
CA PRO B 212 -23.17 -27.17 29.56
C PRO B 212 -23.01 -25.66 29.66
N ALA B 213 -22.29 -25.21 30.70
CA ALA B 213 -22.02 -23.79 30.89
C ALA B 213 -21.32 -23.21 29.65
N LEU B 214 -20.36 -23.96 29.11
CA LEU B 214 -19.65 -23.55 27.91
C LEU B 214 -20.58 -23.57 26.70
N ALA B 215 -21.12 -24.75 26.40
CA ALA B 215 -21.99 -24.95 25.23
C ALA B 215 -23.14 -23.95 25.21
N GLY B 216 -23.57 -23.53 26.40
CA GLY B 216 -24.61 -22.54 26.54
C GLY B 216 -24.40 -21.22 25.81
N LYS B 217 -23.18 -20.67 25.85
CA LYS B 217 -22.99 -19.31 25.34
C LYS B 217 -22.13 -19.21 24.09
N VAL B 218 -21.67 -20.35 23.57
CA VAL B 218 -20.86 -20.36 22.36
C VAL B 218 -21.62 -19.82 21.16
N LEU B 219 -22.85 -20.28 21.01
CA LEU B 219 -23.68 -19.89 19.89
C LEU B 219 -25.09 -19.59 20.38
N ARG B 220 -25.20 -18.93 21.53
CA ARG B 220 -26.50 -18.65 22.11
C ARG B 220 -27.36 -17.76 21.21
N PHE B 221 -26.73 -16.84 20.48
CA PHE B 221 -27.49 -15.95 19.59
C PHE B 221 -27.79 -16.62 18.26
N GLN B 222 -26.87 -17.44 17.79
CA GLN B 222 -27.11 -18.23 16.59
C GLN B 222 -28.23 -19.22 16.89
N LYS B 223 -28.16 -19.83 18.08
CA LYS B 223 -29.24 -20.69 18.56
C LYS B 223 -30.56 -19.89 18.56
N ALA B 224 -30.52 -18.69 19.13
CA ALA B 224 -31.70 -17.82 19.16
C ALA B 224 -32.21 -17.50 17.78
N PHE B 225 -31.29 -17.18 16.88
CA PHE B 225 -31.67 -16.81 15.54
C PHE B 225 -32.36 -17.98 14.87
N LEU B 226 -31.82 -19.18 15.02
CA LEU B 226 -32.39 -20.36 14.37
C LEU B 226 -33.79 -20.57 14.95
N THR B 227 -33.92 -20.36 16.26
CA THR B 227 -35.18 -20.54 16.95
C THR B 227 -36.21 -19.57 16.37
N GLN B 228 -35.78 -18.34 16.15
CA GLN B 228 -36.62 -17.33 15.53
C GLN B 228 -36.99 -17.75 14.10
N LEU B 229 -36.01 -18.23 13.36
CA LEU B 229 -36.23 -18.80 12.03
C LEU B 229 -37.29 -19.92 12.03
N ASP B 230 -37.14 -20.88 12.95
CA ASP B 230 -38.09 -21.96 13.18
C ASP B 230 -39.53 -21.49 13.30
N GLU B 231 -39.75 -20.38 14.02
CA GLU B 231 -41.07 -19.81 14.17
C GLU B 231 -41.66 -19.45 12.80
N LEU B 232 -40.85 -18.81 11.95
CA LEU B 232 -41.32 -18.36 10.65
C LEU B 232 -41.59 -19.52 9.73
N LEU B 233 -40.75 -20.55 9.79
CA LEU B 233 -40.89 -21.70 8.90
C LEU B 233 -42.17 -22.47 9.26
N THR B 234 -42.45 -22.61 10.56
CA THR B 234 -43.72 -23.20 10.98
C THR B 234 -44.90 -22.42 10.41
N GLU B 235 -44.88 -21.10 10.58
CA GLU B 235 -45.95 -20.26 10.03
C GLU B 235 -46.06 -20.51 8.53
N HIS B 236 -44.91 -20.58 7.88
CA HIS B 236 -44.85 -20.79 6.44
C HIS B 236 -45.39 -22.15 6.02
N ARG B 237 -45.13 -23.17 6.83
CA ARG B 237 -45.55 -24.51 6.47
C ARG B 237 -47.08 -24.60 6.48
N MET B 238 -47.71 -23.69 7.22
CA MET B 238 -49.16 -23.64 7.34
C MET B 238 -49.84 -22.86 6.19
N THR B 239 -49.12 -21.97 5.53
CA THR B 239 -49.74 -21.16 4.48
C THR B 239 -49.42 -21.72 3.11
N TRP B 240 -48.44 -22.60 3.06
CA TRP B 240 -48.00 -23.22 1.82
C TRP B 240 -49.15 -23.95 1.11
N ASP B 241 -49.26 -23.66 -0.18
CA ASP B 241 -50.26 -24.31 -1.03
C ASP B 241 -49.51 -25.28 -1.92
N PRO B 242 -49.51 -26.55 -1.55
CA PRO B 242 -48.71 -27.55 -2.29
C PRO B 242 -49.36 -27.95 -3.60
N ALA B 243 -50.57 -27.45 -3.87
CA ALA B 243 -51.19 -27.64 -5.19
C ALA B 243 -50.66 -26.63 -6.18
N GLN B 244 -49.81 -25.73 -5.73
CA GLN B 244 -49.27 -24.74 -6.64
C GLN B 244 -47.78 -24.92 -6.72
N PRO B 245 -47.20 -24.56 -7.88
CA PRO B 245 -45.74 -24.46 -8.01
C PRO B 245 -45.14 -23.67 -6.86
N PRO B 246 -43.97 -24.09 -6.37
CA PRO B 246 -43.29 -23.35 -5.31
C PRO B 246 -43.15 -21.86 -5.60
N ARG B 247 -43.45 -21.07 -4.59
CA ARG B 247 -43.45 -19.64 -4.69
C ARG B 247 -42.14 -19.07 -4.15
N ASP B 248 -41.35 -19.92 -3.52
CA ASP B 248 -40.11 -19.50 -2.87
C ASP B 248 -39.27 -20.70 -2.50
N LEU B 249 -38.07 -20.44 -2.02
CA LEU B 249 -37.07 -21.49 -1.84
C LEU B 249 -37.49 -22.49 -0.77
N THR B 250 -38.21 -22.02 0.23
CA THR B 250 -38.63 -22.88 1.33
C THR B 250 -39.68 -23.90 0.86
N GLU B 251 -40.59 -23.44 -0.01
CA GLU B 251 -41.65 -24.27 -0.54
C GLU B 251 -41.05 -25.37 -1.43
N ALA B 252 -40.09 -24.97 -2.26
CA ALA B 252 -39.39 -25.88 -3.13
C ALA B 252 -38.69 -26.96 -2.31
N PHE B 253 -38.07 -26.52 -1.23
CA PHE B 253 -37.40 -27.41 -0.31
C PHE B 253 -38.39 -28.38 0.33
N LEU B 254 -39.53 -27.85 0.77
CA LEU B 254 -40.56 -28.66 1.41
C LEU B 254 -41.07 -29.69 0.43
N ALA B 255 -41.23 -29.27 -0.82
CA ALA B 255 -41.70 -30.21 -1.83
C ALA B 255 -40.66 -31.33 -2.08
N GLU B 256 -39.37 -30.99 -1.98
CA GLU B 256 -38.33 -32.01 -2.11
C GLU B 256 -38.31 -32.91 -0.90
N MET B 257 -38.56 -32.31 0.25
CA MET B 257 -38.57 -33.06 1.49
C MET B 257 -39.58 -34.20 1.42
N GLU B 258 -40.74 -33.95 0.79
CA GLU B 258 -41.79 -34.95 0.64
C GLU B 258 -41.37 -36.09 -0.29
N LYS B 259 -40.79 -35.75 -1.42
CA LYS B 259 -40.35 -36.75 -2.38
C LYS B 259 -39.27 -37.63 -1.76
N ALA B 260 -38.56 -37.07 -0.79
CA ALA B 260 -37.41 -37.76 -0.21
C ALA B 260 -37.75 -38.60 0.99
N LYS B 261 -39.00 -38.56 1.45
CA LYS B 261 -39.41 -39.45 2.54
C LYS B 261 -39.10 -40.90 2.19
N GLY B 262 -38.22 -41.50 2.98
CA GLY B 262 -37.85 -42.90 2.82
C GLY B 262 -36.42 -43.01 2.35
N ASN B 263 -35.77 -41.86 2.23
CA ASN B 263 -34.43 -41.80 1.68
C ASN B 263 -33.38 -41.28 2.68
N PRO B 264 -32.64 -42.18 3.32
CA PRO B 264 -31.65 -41.77 4.31
C PRO B 264 -30.55 -40.89 3.71
N GLU B 265 -30.39 -40.96 2.40
CA GLU B 265 -29.31 -40.25 1.72
C GLU B 265 -29.62 -38.80 1.40
N SER B 266 -30.89 -38.43 1.43
CA SER B 266 -31.28 -37.08 1.02
C SER B 266 -30.86 -36.01 2.03
N SER B 267 -30.45 -34.84 1.53
CA SER B 267 -30.14 -33.74 2.44
C SER B 267 -31.33 -32.77 2.61
N PHE B 268 -32.43 -33.05 1.92
CA PHE B 268 -33.68 -32.33 2.18
C PHE B 268 -34.39 -32.94 3.38
N ASN B 269 -34.06 -32.42 4.55
CA ASN B 269 -34.67 -32.85 5.79
C ASN B 269 -34.86 -31.65 6.72
N ASP B 270 -35.62 -31.80 7.79
CA ASP B 270 -36.00 -30.67 8.63
C ASP B 270 -34.80 -29.95 9.20
N GLU B 271 -33.81 -30.70 9.63
CA GLU B 271 -32.64 -30.13 10.27
C GLU B 271 -31.93 -29.21 9.29
N ASN B 272 -31.95 -29.57 8.01
CA ASN B 272 -31.22 -28.83 7.00
C ASN B 272 -31.98 -27.63 6.46
N LEU B 273 -33.31 -27.64 6.55
CA LEU B 273 -34.11 -26.55 6.05
C LEU B 273 -33.78 -25.28 6.83
N ARG B 274 -33.77 -25.39 8.14
CA ARG B 274 -33.45 -24.23 8.96
C ARG B 274 -31.99 -23.82 8.72
N ILE B 275 -31.10 -24.77 8.51
CA ILE B 275 -29.73 -24.40 8.29
C ILE B 275 -29.52 -23.74 6.93
N VAL B 276 -30.09 -24.32 5.87
CA VAL B 276 -29.91 -23.75 4.55
C VAL B 276 -30.45 -22.31 4.51
N VAL B 277 -31.65 -22.10 5.07
CA VAL B 277 -32.30 -20.80 5.08
C VAL B 277 -31.50 -19.83 5.97
N ALA B 278 -30.93 -20.32 7.07
CA ALA B 278 -30.07 -19.46 7.88
C ALA B 278 -28.82 -19.03 7.10
N ASP B 279 -28.18 -19.98 6.39
CA ASP B 279 -27.08 -19.67 5.49
C ASP B 279 -27.45 -18.60 4.48
N LEU B 280 -28.48 -18.87 3.69
CA LEU B 280 -28.90 -17.96 2.63
C LEU B 280 -29.30 -16.60 3.18
N PHE B 281 -30.25 -16.60 4.10
CA PHE B 281 -30.77 -15.35 4.63
C PHE B 281 -29.63 -14.51 5.20
N SER B 282 -28.85 -15.10 6.08
CA SER B 282 -27.81 -14.33 6.76
C SER B 282 -26.82 -13.76 5.74
N ALA B 283 -26.20 -14.64 4.96
CA ALA B 283 -25.24 -14.23 3.94
C ALA B 283 -25.86 -13.22 2.97
N GLY B 284 -27.10 -13.45 2.55
CA GLY B 284 -27.73 -12.56 1.58
C GLY B 284 -28.03 -11.15 2.06
N MET B 285 -27.55 -10.83 3.27
CA MET B 285 -28.00 -9.62 3.95
C MET B 285 -26.82 -8.76 4.39
N VAL B 286 -26.04 -9.27 5.34
CA VAL B 286 -24.90 -8.52 5.86
C VAL B 286 -23.90 -8.13 4.77
N THR B 287 -23.89 -8.87 3.66
CA THR B 287 -22.88 -8.64 2.63
C THR B 287 -23.34 -7.55 1.68
N THR B 288 -24.52 -7.71 1.10
CA THR B 288 -25.10 -6.68 0.25
C THR B 288 -25.33 -5.36 1.00
N SER B 289 -25.78 -5.46 2.24
CA SER B 289 -26.16 -4.27 2.98
C SER B 289 -24.91 -3.44 3.34
N THR B 290 -23.86 -4.12 3.83
CA THR B 290 -22.59 -3.47 4.11
C THR B 290 -21.90 -2.85 2.87
N THR B 291 -21.98 -3.55 1.76
CA THR B 291 -21.53 -3.01 0.50
C THR B 291 -22.23 -1.72 0.16
N LEU B 292 -23.55 -1.73 0.29
CA LEU B 292 -24.33 -0.52 0.07
C LEU B 292 -23.95 0.57 1.09
N ALA B 293 -23.76 0.20 2.36
CA ALA B 293 -23.30 1.17 3.34
C ALA B 293 -21.99 1.81 2.87
N TRP B 294 -21.09 0.99 2.32
CA TRP B 294 -19.82 1.49 1.79
C TRP B 294 -20.05 2.44 0.63
N GLY B 295 -20.82 1.98 -0.34
CA GLY B 295 -21.21 2.79 -1.48
C GLY B 295 -21.69 4.19 -1.13
N LEU B 296 -22.58 4.31 -0.17
CA LEU B 296 -23.15 5.60 0.17
C LEU B 296 -22.10 6.45 0.87
N LEU B 297 -21.24 5.80 1.65
CA LEU B 297 -20.18 6.52 2.33
C LEU B 297 -19.23 7.11 1.28
N LEU B 298 -18.86 6.29 0.30
CA LEU B 298 -17.94 6.74 -0.73
C LEU B 298 -18.58 7.83 -1.57
N MET B 299 -19.90 7.82 -1.60
CA MET B 299 -20.61 8.82 -2.38
C MET B 299 -20.69 10.18 -1.69
N ILE B 300 -20.60 10.23 -0.36
CA ILE B 300 -20.57 11.54 0.28
C ILE B 300 -19.13 12.00 0.40
N LEU B 301 -18.21 11.04 0.36
CA LEU B 301 -16.80 11.35 0.36
C LEU B 301 -16.38 11.84 -1.02
N HIS B 302 -17.07 11.42 -2.06
CA HIS B 302 -16.62 11.78 -3.40
C HIS B 302 -17.79 12.21 -4.28
N PRO B 303 -18.35 13.41 -4.01
CA PRO B 303 -19.54 13.98 -4.64
C PRO B 303 -19.37 14.11 -6.14
N ASP B 304 -18.12 14.13 -6.59
CA ASP B 304 -17.84 14.26 -8.01
C ASP B 304 -18.32 13.01 -8.69
N VAL B 305 -17.92 11.86 -8.15
CA VAL B 305 -18.36 10.58 -8.65
C VAL B 305 -19.88 10.49 -8.57
N GLN B 306 -20.42 10.86 -7.42
CA GLN B 306 -21.87 10.81 -7.22
C GLN B 306 -22.63 11.65 -8.26
N ARG B 307 -22.10 12.83 -8.60
CA ARG B 307 -22.74 13.64 -9.64
C ARG B 307 -22.66 12.94 -11.00
N ARG B 308 -21.53 12.33 -11.31
CA ARG B 308 -21.36 11.72 -12.62
C ARG B 308 -22.26 10.52 -12.83
N VAL B 309 -22.50 9.75 -11.76
CA VAL B 309 -23.42 8.64 -11.85
C VAL B 309 -24.86 9.12 -12.02
N GLN B 310 -25.23 10.16 -11.26
CA GLN B 310 -26.55 10.74 -11.37
C GLN B 310 -26.75 11.37 -12.73
N GLN B 311 -25.66 11.84 -13.34
CA GLN B 311 -25.70 12.32 -14.70
C GLN B 311 -26.05 11.18 -15.66
N GLU B 312 -25.42 10.02 -15.46
CA GLU B 312 -25.65 8.87 -16.31
C GLU B 312 -27.04 8.27 -16.11
N ILE B 313 -27.56 8.36 -14.89
CA ILE B 313 -28.90 7.88 -14.61
C ILE B 313 -29.94 8.65 -15.41
N ASP B 314 -29.84 9.97 -15.39
CA ASP B 314 -30.82 10.85 -16.03
C ASP B 314 -30.82 10.73 -17.55
N ASP B 315 -29.69 10.30 -18.11
CA ASP B 315 -29.56 10.23 -19.55
C ASP B 315 -29.93 8.85 -20.09
N VAL B 316 -30.05 7.88 -19.20
CA VAL B 316 -30.37 6.54 -19.62
C VAL B 316 -31.72 6.13 -19.07
N ILE B 317 -31.99 6.53 -17.84
CA ILE B 317 -33.18 6.10 -17.13
C ILE B 317 -34.17 7.25 -16.94
N GLY B 318 -33.66 8.44 -16.66
CA GLY B 318 -34.53 9.56 -16.37
C GLY B 318 -34.73 9.68 -14.86
N GLN B 319 -35.79 10.36 -14.44
CA GLN B 319 -36.00 10.56 -13.00
C GLN B 319 -37.45 10.27 -12.60
N VAL B 320 -38.14 9.49 -13.43
CA VAL B 320 -39.48 9.04 -13.08
C VAL B 320 -39.57 7.52 -13.11
N ARG B 321 -39.07 6.95 -14.19
CA ARG B 321 -39.07 5.51 -14.41
C ARG B 321 -38.15 4.79 -13.42
N ARG B 322 -38.59 3.66 -12.90
CA ARG B 322 -37.74 2.85 -12.03
C ARG B 322 -36.63 2.21 -12.83
N PRO B 323 -35.44 2.07 -12.24
CA PRO B 323 -34.29 1.46 -12.92
C PRO B 323 -34.55 -0.01 -13.23
N GLU B 324 -33.97 -0.49 -14.31
CA GLU B 324 -34.08 -1.89 -14.72
C GLU B 324 -32.73 -2.44 -15.11
N MET B 325 -32.55 -3.75 -14.98
CA MET B 325 -31.25 -4.37 -15.25
C MET B 325 -30.81 -4.17 -16.70
N GLY B 326 -31.76 -3.94 -17.60
CA GLY B 326 -31.43 -3.65 -18.98
C GLY B 326 -30.68 -2.34 -19.13
N ASP B 327 -30.76 -1.48 -18.11
CA ASP B 327 -30.09 -0.18 -18.12
C ASP B 327 -28.57 -0.30 -17.90
N GLN B 328 -28.17 -1.29 -17.10
CA GLN B 328 -26.77 -1.47 -16.73
C GLN B 328 -25.87 -1.54 -17.95
N ALA B 329 -26.31 -2.27 -18.97
CA ALA B 329 -25.55 -2.41 -20.20
C ALA B 329 -25.24 -1.06 -20.85
N HIS B 330 -26.05 -0.05 -20.54
CA HIS B 330 -25.86 1.28 -21.11
C HIS B 330 -25.33 2.26 -20.06
N MET B 331 -24.97 1.73 -18.90
CA MET B 331 -24.44 2.55 -17.80
C MET B 331 -23.09 2.03 -17.33
N PRO B 332 -22.03 2.31 -18.09
CA PRO B 332 -20.70 1.81 -17.71
C PRO B 332 -20.12 2.52 -16.49
N TYR B 333 -20.33 3.84 -16.37
CA TYR B 333 -19.76 4.58 -15.24
C TYR B 333 -20.36 4.08 -13.93
N THR B 334 -21.67 3.90 -13.92
CA THR B 334 -22.32 3.41 -12.71
C THR B 334 -21.85 2.01 -12.39
N THR B 335 -21.65 1.18 -13.41
CA THR B 335 -21.17 -0.18 -13.19
C THR B 335 -19.77 -0.16 -12.57
N ALA B 336 -18.92 0.73 -13.07
CA ALA B 336 -17.55 0.82 -12.59
C ALA B 336 -17.52 1.27 -11.12
N VAL B 337 -18.35 2.28 -10.80
CA VAL B 337 -18.42 2.81 -9.44
C VAL B 337 -18.86 1.71 -8.47
N ILE B 338 -19.82 0.89 -8.91
CA ILE B 338 -20.31 -0.18 -8.09
C ILE B 338 -19.25 -1.22 -7.87
N HIS B 339 -18.56 -1.59 -8.94
CA HIS B 339 -17.46 -2.52 -8.83
C HIS B 339 -16.33 -1.98 -7.96
N GLU B 340 -16.12 -0.66 -7.99
CA GLU B 340 -15.01 -0.08 -7.23
C GLU B 340 -15.38 0.00 -5.78
N VAL B 341 -16.67 0.21 -5.51
CA VAL B 341 -17.19 0.16 -4.15
C VAL B 341 -16.81 -1.17 -3.55
N GLN B 342 -17.15 -2.23 -4.27
CA GLN B 342 -16.81 -3.58 -3.89
C GLN B 342 -15.32 -3.81 -3.71
N ARG B 343 -14.50 -3.36 -4.67
CA ARG B 343 -13.07 -3.58 -4.57
C ARG B 343 -12.49 -2.86 -3.38
N PHE B 344 -12.89 -1.61 -3.25
CA PHE B 344 -12.37 -0.75 -2.19
C PHE B 344 -12.93 -1.16 -0.86
N GLY B 345 -14.24 -1.42 -0.81
CA GLY B 345 -14.91 -1.89 0.39
C GLY B 345 -14.25 -3.13 0.99
N ASP B 346 -14.06 -4.18 0.18
CA ASP B 346 -13.22 -5.30 0.58
C ASP B 346 -13.81 -5.96 1.83
N ILE B 347 -15.11 -6.23 1.81
CA ILE B 347 -15.84 -6.55 3.04
C ILE B 347 -15.53 -7.94 3.58
N VAL B 348 -15.00 -8.83 2.75
CA VAL B 348 -14.62 -10.15 3.21
C VAL B 348 -13.14 -10.35 2.95
N PRO B 349 -12.28 -9.67 3.71
CA PRO B 349 -10.86 -9.65 3.32
C PRO B 349 -10.17 -11.01 3.38
N LEU B 350 -10.51 -11.85 4.36
CA LEU B 350 -9.91 -13.18 4.37
C LEU B 350 -10.86 -14.24 3.79
N GLY B 351 -11.97 -13.81 3.19
CA GLY B 351 -12.86 -14.76 2.56
C GLY B 351 -13.37 -15.78 3.56
N VAL B 352 -13.60 -17.00 3.09
CA VAL B 352 -14.07 -18.09 3.94
C VAL B 352 -13.04 -19.21 3.88
N THR B 353 -12.67 -19.79 5.01
CA THR B 353 -11.56 -20.74 4.96
C THR B 353 -11.95 -21.98 4.13
N HIS B 354 -10.98 -22.49 3.36
CA HIS B 354 -11.11 -23.73 2.60
C HIS B 354 -10.26 -24.80 3.26
N MET B 355 -10.38 -26.04 2.79
CA MET B 355 -9.44 -27.09 3.20
C MET B 355 -9.08 -27.95 2.01
N THR B 356 -7.81 -28.31 1.87
CA THR B 356 -7.46 -29.30 0.86
C THR B 356 -8.03 -30.65 1.23
N SER B 357 -8.59 -31.33 0.26
CA SER B 357 -9.11 -32.66 0.49
C SER B 357 -8.17 -33.66 -0.17
N ARG B 358 -7.10 -33.13 -0.75
CA ARG B 358 -6.13 -33.91 -1.53
C ARG B 358 -4.79 -33.15 -1.49
N ASP B 359 -3.69 -33.84 -1.74
CA ASP B 359 -2.41 -33.16 -1.84
C ASP B 359 -2.34 -32.35 -3.13
N ILE B 360 -1.81 -31.12 -3.06
CA ILE B 360 -1.64 -30.30 -4.26
C ILE B 360 -0.39 -29.41 -4.22
N GLU B 361 -0.16 -28.71 -5.31
CA GLU B 361 0.97 -27.81 -5.40
C GLU B 361 0.47 -26.42 -5.80
N VAL B 362 0.87 -25.41 -5.03
CA VAL B 362 0.58 -24.01 -5.37
C VAL B 362 1.88 -23.21 -5.36
N GLN B 363 2.08 -22.43 -6.42
CA GLN B 363 3.34 -21.68 -6.66
C GLN B 363 4.56 -22.56 -6.39
N GLY B 364 4.47 -23.82 -6.77
CA GLY B 364 5.57 -24.74 -6.60
C GLY B 364 5.74 -25.33 -5.21
N PHE B 365 5.17 -24.71 -4.19
CA PHE B 365 5.23 -25.29 -2.85
C PHE B 365 4.25 -26.47 -2.76
N ARG B 366 4.52 -27.45 -1.89
CA ARG B 366 3.60 -28.59 -1.75
C ARG B 366 2.64 -28.40 -0.59
N ILE B 367 1.35 -28.62 -0.85
CA ILE B 367 0.32 -28.35 0.14
C ILE B 367 -0.41 -29.61 0.57
N PRO B 368 -0.04 -30.13 1.76
CA PRO B 368 -0.52 -31.46 2.19
C PRO B 368 -2.03 -31.47 2.39
N LYS B 369 -2.67 -32.58 1.99
CA LYS B 369 -4.10 -32.80 2.21
C LYS B 369 -4.53 -32.47 3.64
N GLY B 370 -5.74 -31.96 3.80
CA GLY B 370 -6.29 -31.67 5.11
C GLY B 370 -5.81 -30.37 5.69
N THR B 371 -5.16 -29.54 4.88
CA THR B 371 -4.61 -28.31 5.43
C THR B 371 -5.57 -27.15 5.20
N THR B 372 -5.65 -26.26 6.18
CA THR B 372 -6.58 -25.14 6.10
C THR B 372 -6.00 -24.05 5.22
N LEU B 373 -6.75 -23.68 4.19
CA LEU B 373 -6.36 -22.55 3.35
C LEU B 373 -7.11 -21.28 3.67
N ILE B 374 -6.36 -20.19 3.83
CA ILE B 374 -6.95 -18.87 3.88
C ILE B 374 -6.72 -18.18 2.55
N THR B 375 -7.79 -17.88 1.84
CA THR B 375 -7.74 -17.06 0.65
C THR B 375 -7.78 -15.59 1.03
N ASN B 376 -6.65 -14.93 0.93
CA ASN B 376 -6.54 -13.53 1.25
C ASN B 376 -7.07 -12.65 0.12
N LEU B 377 -8.39 -12.49 0.09
CA LEU B 377 -9.05 -11.78 -1.01
C LEU B 377 -8.60 -10.33 -1.04
N SER B 378 -8.33 -9.78 0.14
CA SER B 378 -7.85 -8.42 0.23
C SER B 378 -6.60 -8.24 -0.62
N SER B 379 -5.72 -9.23 -0.60
CA SER B 379 -4.44 -9.13 -1.32
C SER B 379 -4.63 -9.22 -2.82
N VAL B 380 -5.86 -9.52 -3.25
CA VAL B 380 -6.15 -9.60 -4.67
C VAL B 380 -6.89 -8.33 -5.10
N LEU B 381 -7.85 -7.89 -4.28
CA LEU B 381 -8.57 -6.65 -4.55
C LEU B 381 -7.67 -5.40 -4.41
N LYS B 382 -6.58 -5.51 -3.67
CA LYS B 382 -5.68 -4.37 -3.47
C LYS B 382 -4.24 -4.68 -3.83
N ASP B 383 -4.04 -5.46 -4.89
CA ASP B 383 -2.69 -5.75 -5.40
C ASP B 383 -2.01 -4.56 -6.08
N GLU B 384 -0.85 -4.17 -5.55
CA GLU B 384 -0.06 -3.06 -6.08
C GLU B 384 0.44 -3.31 -7.50
N ALA B 385 0.50 -4.58 -7.87
CA ALA B 385 0.93 -5.00 -9.19
C ALA B 385 -0.20 -5.14 -10.22
N VAL B 386 -1.43 -4.77 -9.84
CA VAL B 386 -2.57 -4.87 -10.75
C VAL B 386 -3.37 -3.57 -10.84
N TRP B 387 -3.77 -3.05 -9.68
CA TRP B 387 -4.46 -1.78 -9.63
C TRP B 387 -3.51 -0.59 -9.50
N GLU B 388 -3.88 0.52 -10.14
CA GLU B 388 -3.06 1.71 -10.16
C GLU B 388 -3.08 2.42 -8.83
N LYS B 389 -4.27 2.53 -8.25
CA LYS B 389 -4.44 3.27 -7.00
C LYS B 389 -5.14 2.38 -6.00
N PRO B 390 -4.45 1.33 -5.55
CA PRO B 390 -5.11 0.23 -4.83
C PRO B 390 -5.73 0.62 -3.50
N PHE B 391 -5.40 1.78 -2.96
CA PHE B 391 -5.86 2.15 -1.64
C PHE B 391 -6.70 3.39 -1.72
N ARG B 392 -7.20 3.62 -2.92
CA ARG B 392 -8.01 4.78 -3.15
C ARG B 392 -9.24 4.45 -3.92
N PHE B 393 -10.30 5.21 -3.66
CA PHE B 393 -11.53 5.02 -4.37
C PHE B 393 -11.36 5.61 -5.76
N HIS B 394 -11.38 4.75 -6.76
CA HIS B 394 -10.91 5.14 -8.08
C HIS B 394 -11.66 4.32 -9.12
N PRO B 395 -12.88 4.80 -9.47
CA PRO B 395 -13.79 4.15 -10.43
C PRO B 395 -13.09 3.74 -11.72
N GLU B 396 -12.11 4.54 -12.12
CA GLU B 396 -11.40 4.35 -13.37
C GLU B 396 -10.64 3.01 -13.44
N HIS B 397 -10.54 2.30 -12.32
CA HIS B 397 -10.01 0.94 -12.32
C HIS B 397 -10.82 0.00 -13.25
N PHE B 398 -12.09 0.33 -13.47
CA PHE B 398 -12.98 -0.51 -14.28
C PHE B 398 -13.38 0.15 -15.59
N LEU B 399 -12.61 1.15 -15.99
CA LEU B 399 -12.83 1.81 -17.26
C LEU B 399 -11.52 1.85 -18.01
N ASP B 400 -11.58 1.57 -19.31
CA ASP B 400 -10.43 1.76 -20.18
C ASP B 400 -10.26 3.23 -20.57
N ALA B 401 -9.48 3.48 -21.62
CA ALA B 401 -9.29 4.84 -22.11
C ALA B 401 -10.54 5.33 -22.85
N GLN B 402 -11.31 4.39 -23.39
CA GLN B 402 -12.48 4.73 -24.18
C GLN B 402 -13.73 4.90 -23.31
N GLY B 403 -13.62 4.51 -22.04
CA GLY B 403 -14.71 4.68 -21.11
C GLY B 403 -15.65 3.50 -21.04
N HIS B 404 -15.24 2.37 -21.62
CA HIS B 404 -16.02 1.14 -21.54
C HIS B 404 -15.79 0.47 -20.19
N PHE B 405 -16.79 -0.24 -19.69
CA PHE B 405 -16.58 -1.00 -18.47
C PHE B 405 -15.78 -2.27 -18.78
N VAL B 406 -14.65 -2.41 -18.08
CA VAL B 406 -13.85 -3.63 -18.13
C VAL B 406 -13.68 -4.21 -16.71
N LYS B 407 -13.86 -5.52 -16.59
CA LYS B 407 -13.69 -6.23 -15.32
C LYS B 407 -12.34 -6.98 -15.23
N PRO B 408 -11.35 -6.40 -14.54
CA PRO B 408 -10.05 -7.07 -14.35
C PRO B 408 -10.18 -8.44 -13.70
N GLU B 409 -9.32 -9.38 -14.07
CA GLU B 409 -9.40 -10.73 -13.52
C GLU B 409 -9.17 -10.79 -12.03
N ALA B 410 -8.65 -9.71 -11.45
CA ALA B 410 -8.32 -9.71 -10.05
C ALA B 410 -9.50 -9.23 -9.25
N PHE B 411 -10.61 -9.00 -9.93
CA PHE B 411 -11.81 -8.62 -9.23
C PHE B 411 -12.48 -9.90 -8.71
N LEU B 412 -11.99 -10.35 -7.56
CA LEU B 412 -12.49 -11.55 -6.93
C LEU B 412 -13.15 -11.34 -5.55
N PRO B 413 -14.08 -10.40 -5.42
CA PRO B 413 -14.68 -10.25 -4.08
C PRO B 413 -15.67 -11.38 -3.71
N PHE B 414 -16.09 -12.16 -4.70
CA PHE B 414 -16.96 -13.32 -4.47
C PHE B 414 -16.14 -14.61 -4.44
N SER B 415 -14.83 -14.46 -4.29
CA SER B 415 -13.88 -15.55 -4.44
C SER B 415 -13.94 -16.20 -5.82
N ALA B 416 -13.50 -17.45 -5.90
CA ALA B 416 -13.47 -18.17 -7.17
C ALA B 416 -13.56 -19.68 -6.96
N GLY B 417 -13.69 -20.44 -8.04
CA GLY B 417 -13.74 -21.90 -7.93
C GLY B 417 -15.13 -22.37 -7.57
N ARG B 418 -15.27 -23.64 -7.22
CA ARG B 418 -16.63 -24.16 -7.04
C ARG B 418 -17.33 -23.72 -5.75
N ARG B 419 -16.59 -23.21 -4.77
CA ARG B 419 -17.25 -22.74 -3.55
C ARG B 419 -17.49 -21.22 -3.63
N ALA B 420 -17.25 -20.65 -4.80
CA ALA B 420 -17.51 -19.23 -5.01
C ALA B 420 -18.96 -18.88 -4.73
N CYS B 421 -19.17 -17.66 -4.23
CA CYS B 421 -20.48 -17.19 -3.81
C CYS B 421 -21.61 -17.60 -4.76
N LEU B 422 -22.59 -18.38 -4.29
CA LEU B 422 -23.72 -18.76 -5.16
C LEU B 422 -24.68 -17.58 -5.29
N GLY B 423 -24.52 -16.60 -4.40
CA GLY B 423 -25.32 -15.39 -4.42
C GLY B 423 -24.91 -14.29 -5.39
N GLU B 424 -23.76 -14.43 -6.08
CA GLU B 424 -23.28 -13.36 -6.98
C GLU B 424 -24.36 -12.81 -7.92
N PRO B 425 -25.13 -13.68 -8.62
CA PRO B 425 -26.18 -13.10 -9.47
C PRO B 425 -27.20 -12.27 -8.70
N LEU B 426 -27.70 -12.76 -7.58
CA LEU B 426 -28.57 -11.95 -6.75
C LEU B 426 -27.92 -10.61 -6.40
N ALA B 427 -26.72 -10.69 -5.83
CA ALA B 427 -26.01 -9.52 -5.33
C ALA B 427 -25.72 -8.49 -6.43
N ARG B 428 -25.28 -8.94 -7.61
CA ARG B 428 -25.11 -8.04 -8.75
C ARG B 428 -26.38 -7.22 -9.01
N MET B 429 -27.54 -7.86 -8.86
CA MET B 429 -28.82 -7.22 -9.15
C MET B 429 -29.29 -6.31 -8.01
N GLU B 430 -29.12 -6.76 -6.77
CA GLU B 430 -29.44 -5.94 -5.64
C GLU B 430 -28.58 -4.67 -5.65
N LEU B 431 -27.27 -4.83 -5.85
CA LEU B 431 -26.36 -3.69 -5.82
C LEU B 431 -26.71 -2.67 -6.88
N PHE B 432 -26.98 -3.11 -8.09
CA PHE B 432 -27.29 -2.16 -9.14
C PHE B 432 -28.65 -1.46 -8.92
N LEU B 433 -29.66 -2.20 -8.48
CA LEU B 433 -30.99 -1.61 -8.45
C LEU B 433 -31.17 -0.69 -7.24
N PHE B 434 -30.64 -1.10 -6.10
CA PHE B 434 -30.73 -0.27 -4.90
C PHE B 434 -29.87 0.97 -5.10
N PHE B 435 -28.63 0.77 -5.54
CA PHE B 435 -27.72 1.90 -5.70
C PHE B 435 -28.29 2.90 -6.68
N THR B 436 -28.68 2.46 -7.87
CA THR B 436 -29.23 3.40 -8.85
C THR B 436 -30.59 3.97 -8.43
N SER B 437 -31.33 3.29 -7.57
CA SER B 437 -32.61 3.87 -7.15
C SER B 437 -32.37 4.96 -6.13
N LEU B 438 -31.41 4.71 -5.25
CA LEU B 438 -31.09 5.68 -4.22
C LEU B 438 -30.52 6.94 -4.83
N LEU B 439 -29.57 6.80 -5.75
CA LEU B 439 -28.94 8.00 -6.30
C LEU B 439 -29.90 8.73 -7.24
N GLN B 440 -30.84 7.99 -7.82
CA GLN B 440 -31.81 8.61 -8.72
C GLN B 440 -32.72 9.57 -7.97
N HIS B 441 -33.11 9.20 -6.77
CA HIS B 441 -34.12 9.98 -6.03
C HIS B 441 -33.49 11.02 -5.10
N PHE B 442 -32.29 10.73 -4.59
CA PHE B 442 -31.64 11.59 -3.59
C PHE B 442 -30.24 12.06 -3.97
N SER B 443 -29.82 13.16 -3.35
CA SER B 443 -28.42 13.53 -3.33
C SER B 443 -27.95 13.39 -1.91
N PHE B 444 -26.87 12.64 -1.71
CA PHE B 444 -26.37 12.40 -0.38
C PHE B 444 -25.16 13.24 -0.13
N SER B 445 -25.00 13.68 1.11
CA SER B 445 -23.89 14.52 1.48
C SER B 445 -23.50 14.27 2.92
N VAL B 446 -22.26 14.59 3.25
CA VAL B 446 -21.84 14.78 4.63
C VAL B 446 -22.72 15.90 5.22
N PRO B 447 -23.21 15.73 6.46
CA PRO B 447 -24.01 16.78 7.10
C PRO B 447 -23.19 18.04 7.29
N THR B 448 -23.69 19.19 6.81
CA THR B 448 -22.92 20.44 6.85
C THR B 448 -22.39 20.66 8.26
N GLY B 449 -21.11 21.00 8.33
CA GLY B 449 -20.47 21.22 9.61
C GLY B 449 -19.75 19.99 10.17
N GLN B 450 -20.43 18.85 10.15
CA GLN B 450 -19.86 17.61 10.70
C GLN B 450 -18.54 17.30 10.00
N PRO B 451 -17.60 16.69 10.74
CA PRO B 451 -16.28 16.33 10.21
C PRO B 451 -16.39 15.19 9.19
N ARG B 452 -15.51 15.25 8.19
CA ARG B 452 -15.50 14.29 7.10
C ARG B 452 -15.30 12.86 7.64
N PRO B 453 -16.16 11.91 7.21
CA PRO B 453 -16.10 10.56 7.80
C PRO B 453 -14.87 9.76 7.36
N SER B 454 -14.38 8.88 8.23
CA SER B 454 -13.31 7.94 7.88
C SER B 454 -13.67 7.03 6.69
N HIS B 455 -12.71 6.81 5.80
CA HIS B 455 -12.84 5.86 4.69
C HIS B 455 -12.23 4.52 5.08
N HIS B 456 -11.58 4.49 6.24
CA HIS B 456 -10.94 3.30 6.77
C HIS B 456 -11.94 2.43 7.56
N GLY B 457 -11.94 1.13 7.28
CA GLY B 457 -12.95 0.26 7.85
C GLY B 457 -12.59 -0.50 9.11
N VAL B 458 -13.61 -1.12 9.70
CA VAL B 458 -13.52 -1.98 10.87
C VAL B 458 -13.01 -3.41 10.57
N PHE B 459 -11.70 -3.65 10.63
CA PHE B 459 -11.18 -4.99 10.27
C PHE B 459 -11.74 -6.06 11.19
N ALA B 460 -12.46 -7.00 10.60
CA ALA B 460 -13.08 -8.07 11.35
C ALA B 460 -13.34 -9.25 10.41
N PHE B 461 -14.25 -10.13 10.81
CA PHE B 461 -14.74 -11.17 9.91
C PHE B 461 -15.29 -10.43 8.70
N LEU B 462 -16.28 -9.59 8.96
CA LEU B 462 -16.84 -8.73 7.94
C LEU B 462 -16.49 -7.26 8.18
N VAL B 463 -15.96 -6.62 7.15
CA VAL B 463 -15.47 -5.24 7.26
C VAL B 463 -16.50 -4.22 6.81
N SER B 464 -16.95 -3.39 7.75
CA SER B 464 -17.96 -2.38 7.44
C SER B 464 -17.46 -0.97 7.72
N PRO B 465 -18.03 0.03 7.04
CA PRO B 465 -17.50 1.38 7.19
C PRO B 465 -17.65 1.91 8.62
N SER B 466 -16.84 2.91 9.00
CA SER B 466 -16.96 3.49 10.32
C SER B 466 -18.28 4.22 10.39
N PRO B 467 -18.92 4.21 11.56
CA PRO B 467 -20.28 4.76 11.68
C PRO B 467 -20.31 6.17 11.15
N TYR B 468 -21.27 6.43 10.27
CA TYR B 468 -21.36 7.74 9.66
C TYR B 468 -22.83 8.13 9.47
N GLU B 469 -23.06 9.42 9.29
CA GLU B 469 -24.39 9.93 9.01
C GLU B 469 -24.37 10.65 7.68
N LEU B 470 -25.48 10.66 6.97
CA LEU B 470 -25.57 11.47 5.76
C LEU B 470 -26.88 12.24 5.76
N CYS B 471 -27.02 13.12 4.79
CA CYS B 471 -28.24 13.86 4.59
C CYS B 471 -28.77 13.38 3.26
N ALA B 472 -30.09 13.22 3.16
CA ALA B 472 -30.66 12.71 1.93
C ALA B 472 -31.73 13.67 1.42
N VAL B 473 -31.37 14.48 0.44
CA VAL B 473 -32.33 15.44 -0.09
C VAL B 473 -32.70 15.09 -1.53
N PRO B 474 -34.01 15.12 -1.83
CA PRO B 474 -34.55 14.79 -3.16
C PRO B 474 -33.99 15.67 -4.27
N ARG B 475 -34.23 15.26 -5.53
CA ARG B 475 -33.64 15.94 -6.67
C ARG B 475 -34.67 16.62 -7.57
#